data_8RSV
#
_entry.id   8RSV
#
_cell.length_a   60.490
_cell.length_b   92.332
_cell.length_c   100.670
_cell.angle_alpha   90.000
_cell.angle_beta   106.230
_cell.angle_gamma   90.000
#
_symmetry.space_group_name_H-M   'P 1 21 1'
#
loop_
_entity.id
_entity.type
_entity.pdbx_description
1 polymer Rap3T
2 polymer 'Pheromone RRGHTAS'
3 non-polymer 'Glycerol ethoxylate'
4 water water
#
loop_
_entity_poly.entity_id
_entity_poly.type
_entity_poly.pdbx_seq_one_letter_code
_entity_poly.pdbx_strand_id
1 'polypeptide(L)'
;MLEQMISSSKVGVKINEWYKYIRLFSVPDSEILKAEVEEEIRHMKEDHDLLLYYSLMCFRHQLMLDYLEPKTLNEERPKI
SDLLEKIESSQTDLKGILEYYFNFFRGMYEFEQYEYLNAISFYKQAERKLSLVADEIERAEFHYKVAEIYYHMKQTHMSM
HHIVQAIDSYKAHENYTVRVIQCSFVIGLNYLDMDYPEKAIPHFKNALDKAREIDMSRLIGSSLYNLGLCSFAEEAYEKA
SEYFKEGIRVYQDNGYEHSNRILDILLMLTKTTFKMRNHSEGISWCAHGLSLSKNLNDEIMAKMFEFIHALYVDNDNEKL
NSILNYLELKSMLSDVEDLASDAAKYYNEKEDHKVAVAYYEKVLYARKQIQRGDCLYET
;
A,B
2 'polypeptide(L)' RRGHTAS C,E
#
# COMPACT_ATOMS: atom_id res chain seq x y z
N SER A 8 -1.25 19.73 -44.42
CA SER A 8 -1.16 19.57 -42.95
C SER A 8 -0.13 18.62 -42.33
N SER A 9 0.33 17.60 -43.04
CA SER A 9 1.34 16.73 -42.45
C SER A 9 2.62 17.52 -42.18
N LYS A 10 2.92 18.50 -43.03
CA LYS A 10 4.12 19.32 -42.84
C LYS A 10 4.08 20.09 -41.53
N VAL A 11 2.97 20.80 -41.27
CA VAL A 11 2.79 21.52 -40.02
C VAL A 11 2.74 20.56 -38.84
N GLY A 12 2.08 19.42 -39.02
CA GLY A 12 2.00 18.44 -37.95
C GLY A 12 3.35 17.90 -37.52
N VAL A 13 4.25 17.67 -38.48
CA VAL A 13 5.64 17.32 -38.15
C VAL A 13 6.31 18.40 -37.33
N LYS A 14 6.08 19.67 -37.69
CA LYS A 14 6.72 20.77 -36.98
C LYS A 14 6.25 20.82 -35.54
N ILE A 15 4.95 20.60 -35.29
CA ILE A 15 4.45 20.59 -33.92
C ILE A 15 5.03 19.40 -33.15
N ASN A 16 5.21 18.25 -33.83
CA ASN A 16 5.94 17.15 -33.19
C ASN A 16 7.35 17.55 -32.79
N GLU A 17 8.07 18.24 -33.70
CA GLU A 17 9.42 18.70 -33.40
C GLU A 17 9.41 19.65 -32.21
N TRP A 18 8.51 20.62 -32.23
CA TRP A 18 8.26 21.52 -31.11
C TRP A 18 8.16 20.76 -29.80
N TYR A 19 7.34 19.72 -29.76
CA TYR A 19 7.12 18.99 -28.52
C TYR A 19 8.41 18.31 -28.06
N LYS A 20 9.14 17.73 -29.00
CA LYS A 20 10.45 17.14 -28.73
C LYS A 20 11.38 18.13 -28.02
N TYR A 21 11.47 19.36 -28.53
CA TYR A 21 12.35 20.35 -27.89
C TYR A 21 11.83 20.73 -26.50
N ILE A 22 10.50 20.76 -26.31
CA ILE A 22 9.93 21.08 -25.00
C ILE A 22 10.36 20.05 -23.97
N ARG A 23 10.18 18.78 -24.31
CA ARG A 23 10.64 17.67 -23.49
C ARG A 23 12.13 17.75 -23.19
N LEU A 24 12.90 18.35 -24.09
CA LEU A 24 14.34 18.53 -23.89
C LEU A 24 14.64 19.81 -23.13
N PHE A 25 13.63 20.60 -22.77
CA PHE A 25 13.82 21.87 -22.08
C PHE A 25 14.75 22.79 -22.86
N SER A 26 14.77 22.66 -24.19
CA SER A 26 15.52 23.60 -25.02
C SER A 26 14.58 24.73 -25.38
N VAL A 27 14.57 25.79 -24.57
CA VAL A 27 13.70 26.92 -24.85
C VAL A 27 14.06 27.59 -26.15
N PRO A 28 15.33 27.85 -26.49
CA PRO A 28 15.59 28.49 -27.78
C PRO A 28 15.01 27.70 -28.94
N ASP A 29 15.20 26.38 -28.98
CA ASP A 29 14.62 25.59 -30.08
C ASP A 29 13.10 25.63 -30.04
N SER A 30 12.52 25.52 -28.84
CA SER A 30 11.06 25.54 -28.71
C SER A 30 10.48 26.82 -29.26
N GLU A 31 11.16 27.95 -29.04
CA GLU A 31 10.67 29.24 -29.50
C GLU A 31 10.81 29.35 -31.00
N ILE A 32 11.91 28.83 -31.54
CA ILE A 32 12.06 28.77 -32.98
C ILE A 32 10.92 27.98 -33.59
N LEU A 33 10.68 26.78 -33.07
CA LEU A 33 9.64 25.93 -33.64
C LEU A 33 8.28 26.56 -33.45
N LYS A 34 8.06 27.21 -32.31
CA LYS A 34 6.81 27.92 -32.07
C LYS A 34 6.59 28.98 -33.14
N ALA A 35 7.61 29.80 -33.41
CA ALA A 35 7.46 30.83 -34.44
C ALA A 35 7.27 30.23 -35.83
N GLU A 36 7.94 29.11 -36.12
CA GLU A 36 7.76 28.45 -37.40
C GLU A 36 6.33 27.95 -37.56
N VAL A 37 5.79 27.33 -36.50
CA VAL A 37 4.45 26.78 -36.58
C VAL A 37 3.44 27.89 -36.79
N GLU A 38 3.59 29.00 -36.08
CA GLU A 38 2.66 30.11 -36.22
C GLU A 38 2.73 30.73 -37.61
N GLU A 39 3.91 30.77 -38.23
CA GLU A 39 3.98 31.22 -39.61
C GLU A 39 3.24 30.25 -40.54
N GLU A 40 3.40 28.95 -40.34
CA GLU A 40 2.74 28.00 -41.22
C GLU A 40 1.22 28.04 -41.04
N ILE A 41 0.76 28.25 -39.81
CA ILE A 41 -0.67 28.29 -39.53
C ILE A 41 -1.33 29.43 -40.29
N ARG A 42 -0.66 30.57 -40.37
CA ARG A 42 -1.21 31.77 -40.98
C ARG A 42 -1.46 31.60 -42.48
N HIS A 43 -1.05 30.49 -43.08
CA HIS A 43 -1.23 30.26 -44.50
C HIS A 43 -2.11 29.05 -44.78
N MET A 44 -1.77 27.87 -44.25
CA MET A 44 -2.64 26.71 -44.37
C MET A 44 -4.06 27.05 -43.93
N LYS A 45 -4.21 27.39 -42.64
CA LYS A 45 -5.44 27.90 -42.04
C LYS A 45 -6.70 27.21 -42.57
N GLU A 46 -6.87 25.92 -42.28
CA GLU A 46 -8.00 25.15 -42.79
C GLU A 46 -8.10 23.76 -42.17
N ASP A 47 -7.88 23.63 -40.86
CA ASP A 47 -7.84 22.30 -40.24
C ASP A 47 -8.15 22.43 -38.75
N HIS A 48 -9.30 21.91 -38.33
CA HIS A 48 -9.73 22.06 -36.95
C HIS A 48 -8.88 21.23 -35.99
N ASP A 49 -8.41 20.06 -36.44
CA ASP A 49 -7.59 19.22 -35.56
C ASP A 49 -6.18 19.76 -35.44
N LEU A 50 -5.57 20.10 -36.58
CA LEU A 50 -4.24 20.71 -36.58
C LEU A 50 -4.23 21.95 -35.69
N LEU A 51 -5.31 22.73 -35.70
CA LEU A 51 -5.38 23.91 -34.85
C LEU A 51 -5.44 23.53 -33.38
N LEU A 52 -6.18 22.47 -33.04
CA LEU A 52 -6.24 22.06 -31.64
C LEU A 52 -4.88 21.54 -31.18
N TYR A 53 -4.23 20.71 -32.01
CA TYR A 53 -2.87 20.29 -31.72
C TYR A 53 -1.98 21.51 -31.48
N TYR A 54 -2.11 22.52 -32.35
CA TYR A 54 -1.36 23.76 -32.14
C TYR A 54 -1.67 24.36 -30.77
N SER A 55 -2.96 24.54 -30.45
CA SER A 55 -3.29 25.14 -29.16
C SER A 55 -2.81 24.28 -28.00
N LEU A 56 -2.84 22.95 -28.16
CA LEU A 56 -2.33 22.10 -27.10
C LEU A 56 -0.83 22.30 -26.89
N MET A 57 -0.08 22.44 -27.98
CA MET A 57 1.37 22.63 -27.83
C MET A 57 1.69 24.01 -27.31
N CYS A 58 0.95 25.03 -27.73
CA CYS A 58 1.06 26.34 -27.10
C CYS A 58 0.92 26.18 -25.60
N PHE A 59 -0.15 25.49 -25.19
CA PHE A 59 -0.40 25.16 -23.80
C PHE A 59 0.83 24.52 -23.16
N ARG A 60 1.32 23.45 -23.77
CA ARG A 60 2.44 22.70 -23.19
C ARG A 60 3.71 23.53 -23.16
N HIS A 61 3.92 24.35 -24.19
CA HIS A 61 5.07 25.26 -24.24
C HIS A 61 5.06 26.22 -23.07
N GLN A 62 3.90 26.85 -22.84
CA GLN A 62 3.75 27.77 -21.71
C GLN A 62 3.99 27.06 -20.38
N LEU A 63 3.52 25.82 -20.26
CA LEU A 63 3.78 25.04 -19.05
C LEU A 63 5.28 24.96 -18.78
N MET A 64 6.07 24.71 -19.83
CA MET A 64 7.52 24.70 -19.70
C MET A 64 8.07 26.07 -19.29
N LEU A 65 7.59 27.13 -19.96
CA LEU A 65 8.06 28.48 -19.62
C LEU A 65 7.72 28.84 -18.17
N ASP A 66 6.49 28.57 -17.75
CA ASP A 66 6.11 28.91 -16.39
C ASP A 66 6.97 28.17 -15.36
N TYR A 67 7.38 26.94 -15.66
CA TYR A 67 8.30 26.22 -14.79
C TYR A 67 9.68 26.88 -14.77
N LEU A 68 10.18 27.30 -15.93
CA LEU A 68 11.53 27.82 -16.01
C LEU A 68 11.64 29.28 -15.61
N GLU A 69 10.60 30.08 -15.87
CA GLU A 69 10.54 31.48 -15.47
C GLU A 69 9.12 31.76 -14.98
N PRO A 70 8.89 31.73 -13.67
CA PRO A 70 7.54 32.05 -13.14
C PRO A 70 7.22 33.54 -13.35
N LYS A 71 6.09 33.78 -14.00
CA LYS A 71 5.64 35.14 -14.28
C LYS A 71 4.69 35.61 -13.19
N THR A 72 4.91 36.84 -12.72
CA THR A 72 4.08 37.39 -11.64
C THR A 72 2.73 37.85 -12.20
N GLU A 75 -1.23 40.39 -12.14
CA GLU A 75 -2.28 41.39 -12.28
C GLU A 75 -3.04 41.20 -13.60
N GLU A 76 -2.33 40.73 -14.62
CA GLU A 76 -2.91 40.49 -15.94
C GLU A 76 -3.31 39.03 -16.08
N ARG A 77 -4.42 38.78 -16.80
CA ARG A 77 -4.90 37.44 -17.08
C ARG A 77 -3.75 36.60 -17.66
N PRO A 78 -3.30 35.57 -16.94
CA PRO A 78 -2.13 34.81 -17.41
C PRO A 78 -2.35 34.23 -18.80
N LYS A 79 -1.26 34.10 -19.56
CA LYS A 79 -1.35 33.53 -20.89
C LYS A 79 -1.94 32.12 -20.84
N ILE A 80 -1.66 31.38 -19.75
CA ILE A 80 -2.10 29.99 -19.60
C ILE A 80 -3.63 29.88 -19.57
N SER A 81 -4.33 30.92 -19.12
CA SER A 81 -5.79 30.84 -19.01
C SER A 81 -6.47 31.01 -20.35
N ASP A 82 -6.01 31.99 -21.15
CA ASP A 82 -6.55 32.14 -22.50
C ASP A 82 -6.27 30.90 -23.34
N LEU A 83 -5.09 30.30 -23.21
CA LEU A 83 -4.78 29.07 -23.95
C LEU A 83 -5.67 27.92 -23.49
N LEU A 84 -5.89 27.80 -22.18
CA LEU A 84 -6.76 26.76 -21.65
C LEU A 84 -8.20 26.95 -22.14
N GLU A 85 -8.68 28.19 -22.17
CA GLU A 85 -10.01 28.46 -22.74
C GLU A 85 -10.04 28.03 -24.21
N LYS A 86 -9.06 28.49 -25.01
CA LYS A 86 -8.99 28.11 -26.41
C LYS A 86 -8.98 26.60 -26.59
N ILE A 87 -8.43 25.87 -25.62
CA ILE A 87 -8.34 24.43 -25.78
C ILE A 87 -9.64 23.74 -25.34
N GLU A 88 -10.35 24.26 -24.34
CA GLU A 88 -11.56 23.58 -23.87
C GLU A 88 -12.79 23.82 -24.75
N SER A 89 -12.65 24.51 -25.88
CA SER A 89 -13.76 24.72 -26.80
C SER A 89 -13.82 23.67 -27.91
N SER A 90 -12.79 22.83 -28.02
CA SER A 90 -12.69 21.83 -29.07
C SER A 90 -12.51 20.47 -28.40
N GLN A 91 -13.56 20.02 -27.69
CA GLN A 91 -13.54 18.75 -27.00
C GLN A 91 -14.36 17.66 -27.68
N THR A 92 -15.30 18.03 -28.53
CA THR A 92 -16.12 17.05 -29.23
C THR A 92 -15.33 16.34 -30.33
N ASP A 93 -15.64 15.05 -30.51
CA ASP A 93 -15.16 14.27 -31.65
C ASP A 93 -13.64 14.13 -31.64
N LEU A 94 -13.10 13.96 -30.46
CA LEU A 94 -11.68 13.77 -30.25
C LEU A 94 -11.33 12.30 -30.39
N LYS A 95 -10.14 12.02 -30.91
CA LYS A 95 -9.71 10.66 -31.20
C LYS A 95 -8.19 10.60 -31.30
N GLY A 96 -7.66 9.38 -31.21
CA GLY A 96 -6.25 9.17 -31.51
C GLY A 96 -5.29 9.81 -30.54
N ILE A 97 -4.09 10.11 -31.05
CA ILE A 97 -3.03 10.66 -30.20
C ILE A 97 -3.39 12.06 -29.74
N LEU A 98 -4.16 12.80 -30.54
CA LEU A 98 -4.57 14.14 -30.15
C LEU A 98 -5.38 14.08 -28.85
N GLU A 99 -6.25 13.06 -28.73
CA GLU A 99 -7.04 12.88 -27.53
C GLU A 99 -6.15 12.54 -26.34
N TYR A 100 -5.14 11.70 -26.55
CA TYR A 100 -4.18 11.42 -25.49
C TYR A 100 -3.52 12.71 -25.01
N TYR A 101 -3.02 13.54 -25.96
CA TYR A 101 -2.42 14.80 -25.57
C TYR A 101 -3.38 15.69 -24.81
N PHE A 102 -4.63 15.75 -25.28
CA PHE A 102 -5.61 16.61 -24.63
C PHE A 102 -5.75 16.25 -23.16
N ASN A 103 -5.93 14.96 -22.86
CA ASN A 103 -6.12 14.54 -21.48
C ASN A 103 -4.83 14.63 -20.67
N PHE A 104 -3.69 14.32 -21.30
CA PHE A 104 -2.40 14.39 -20.61
C PHE A 104 -2.05 15.84 -20.26
N PHE A 105 -2.16 16.76 -21.22
CA PHE A 105 -1.82 18.15 -20.96
C PHE A 105 -2.79 18.79 -19.98
N ARG A 106 -4.08 18.46 -20.08
CA ARG A 106 -5.02 18.95 -19.08
C ARG A 106 -4.70 18.39 -17.69
N GLY A 107 -4.29 17.12 -17.62
CA GLY A 107 -3.92 16.58 -16.33
C GLY A 107 -2.76 17.32 -15.70
N MET A 108 -1.73 17.62 -16.50
CA MET A 108 -0.58 18.38 -16.02
C MET A 108 -1.01 19.72 -15.47
N TYR A 109 -1.86 20.42 -16.22
CA TYR A 109 -2.35 21.71 -15.79
C TYR A 109 -3.10 21.62 -14.46
N GLU A 110 -4.05 20.69 -14.36
CA GLU A 110 -4.77 20.52 -13.11
C GLU A 110 -3.82 20.24 -11.95
N PHE A 111 -2.81 19.39 -12.18
CA PHE A 111 -1.85 19.11 -11.12
C PHE A 111 -1.19 20.39 -10.62
N GLU A 112 -0.78 21.29 -11.54
CA GLU A 112 -0.20 22.58 -11.16
C GLU A 112 -1.17 23.48 -10.39
N GLN A 113 -2.47 23.28 -10.55
CA GLN A 113 -3.44 24.07 -9.79
C GLN A 113 -3.88 23.39 -8.51
N TYR A 114 -3.17 22.35 -8.05
CA TYR A 114 -3.57 21.62 -6.85
C TYR A 114 -4.94 20.94 -7.01
N GLU A 115 -5.40 20.71 -8.25
CA GLU A 115 -6.66 20.02 -8.51
C GLU A 115 -6.32 18.55 -8.71
N TYR A 116 -6.06 17.88 -7.59
CA TYR A 116 -5.47 16.55 -7.65
C TYR A 116 -6.45 15.53 -8.22
N LEU A 117 -7.72 15.55 -7.81
CA LEU A 117 -8.66 14.56 -8.31
C LEU A 117 -8.92 14.73 -9.81
N ASN A 118 -9.07 15.97 -10.28
CA ASN A 118 -9.20 16.22 -11.72
C ASN A 118 -8.00 15.69 -12.47
N ALA A 119 -6.80 15.89 -11.89
CA ALA A 119 -5.55 15.52 -12.53
C ALA A 119 -5.45 14.01 -12.71
N ILE A 120 -5.71 13.24 -11.65
CA ILE A 120 -5.76 11.78 -11.79
C ILE A 120 -6.79 11.40 -12.84
N SER A 121 -7.95 12.05 -12.80
CA SER A 121 -9.00 11.74 -13.76
C SER A 121 -8.49 11.91 -15.21
N PHE A 122 -7.83 13.03 -15.48
CA PHE A 122 -7.29 13.26 -16.81
C PHE A 122 -6.18 12.26 -17.14
N TYR A 123 -5.25 12.06 -16.20
CA TYR A 123 -4.15 11.13 -16.44
C TYR A 123 -4.67 9.73 -16.75
N LYS A 124 -5.71 9.29 -16.03
CA LYS A 124 -6.25 7.96 -16.27
C LYS A 124 -6.84 7.84 -17.66
N GLN A 125 -7.51 8.89 -18.16
CA GLN A 125 -8.01 8.86 -19.53
C GLN A 125 -6.84 8.78 -20.52
N ALA A 126 -5.78 9.56 -20.28
CA ALA A 126 -4.59 9.46 -21.10
C ALA A 126 -3.99 8.07 -21.07
N GLU A 127 -3.95 7.44 -19.89
CA GLU A 127 -3.39 6.10 -19.77
C GLU A 127 -4.03 5.10 -20.73
N ARG A 128 -5.33 5.22 -20.98
CA ARG A 128 -6.03 4.26 -21.83
C ARG A 128 -5.48 4.22 -23.26
N LYS A 129 -4.96 5.34 -23.75
CA LYS A 129 -4.51 5.40 -25.14
C LYS A 129 -3.01 5.30 -25.23
N LEU A 130 -2.37 4.77 -24.18
CA LEU A 130 -0.92 4.75 -24.13
C LEU A 130 -0.34 3.83 -25.21
N SER A 131 -1.06 2.80 -25.63
CA SER A 131 -0.60 2.00 -26.76
C SER A 131 -0.57 2.77 -28.07
N LEU A 132 -1.17 3.97 -28.13
CA LEU A 132 -1.06 4.86 -29.28
C LEU A 132 0.25 5.63 -29.31
N VAL A 133 1.02 5.60 -28.25
CA VAL A 133 2.20 6.43 -28.15
C VAL A 133 3.39 5.54 -28.46
N ALA A 134 3.88 5.60 -29.70
CA ALA A 134 5.04 4.79 -30.06
C ALA A 134 6.31 5.37 -29.46
N ASP A 135 6.38 6.69 -29.27
CA ASP A 135 7.63 7.28 -28.84
C ASP A 135 7.91 6.89 -27.38
N GLU A 136 9.04 6.22 -27.14
CA GLU A 136 9.41 5.80 -25.80
C GLU A 136 9.63 6.99 -24.87
N ILE A 137 10.19 8.09 -25.37
CA ILE A 137 10.39 9.25 -24.52
C ILE A 137 9.06 9.86 -24.12
N GLU A 138 8.11 9.91 -25.06
CA GLU A 138 6.81 10.45 -24.68
C GLU A 138 6.16 9.58 -23.63
N ARG A 139 6.26 8.25 -23.74
CA ARG A 139 5.70 7.41 -22.69
C ARG A 139 6.40 7.67 -21.36
N ALA A 140 7.69 8.00 -21.39
CA ALA A 140 8.42 8.30 -20.15
C ALA A 140 7.87 9.55 -19.49
N GLU A 141 7.56 10.57 -20.29
CA GLU A 141 6.87 11.74 -19.77
C GLU A 141 5.60 11.32 -19.07
N PHE A 142 4.79 10.49 -19.71
CA PHE A 142 3.57 10.06 -19.05
C PHE A 142 3.88 9.40 -17.70
N HIS A 143 4.78 8.42 -17.71
CA HIS A 143 5.06 7.67 -16.50
C HIS A 143 5.65 8.56 -15.41
N TYR A 144 6.51 9.51 -15.78
CA TYR A 144 7.08 10.42 -14.80
C TYR A 144 6.00 11.27 -14.17
N LYS A 145 5.12 11.84 -14.98
CA LYS A 145 4.06 12.69 -14.46
C LYS A 145 3.04 11.90 -13.62
N VAL A 146 2.77 10.66 -14.01
CA VAL A 146 1.85 9.83 -13.21
C VAL A 146 2.51 9.46 -11.88
N ALA A 147 3.79 9.12 -11.93
CA ALA A 147 4.51 8.84 -10.69
C ALA A 147 4.50 10.04 -9.74
N GLU A 148 4.57 11.24 -10.31
CA GLU A 148 4.66 12.45 -9.50
C GLU A 148 3.40 12.65 -8.71
N ILE A 149 2.24 12.55 -9.37
CA ILE A 149 0.98 12.77 -8.68
C ILE A 149 0.69 11.66 -7.69
N TYR A 150 1.10 10.43 -8.00
CA TYR A 150 0.93 9.36 -7.02
C TYR A 150 1.81 9.60 -5.80
N TYR A 151 3.00 10.14 -6.00
CA TYR A 151 3.82 10.50 -4.85
C TYR A 151 3.12 11.57 -3.99
N HIS A 152 2.56 12.61 -4.63
CA HIS A 152 1.92 13.66 -3.86
C HIS A 152 0.69 13.14 -3.12
N MET A 153 0.05 12.08 -3.65
CA MET A 153 -0.99 11.39 -2.92
CA MET A 153 -1.00 11.36 -2.94
C MET A 153 -0.45 10.28 -2.03
N LYS A 154 0.87 10.14 -1.93
CA LYS A 154 1.51 9.14 -1.05
C LYS A 154 1.06 7.73 -1.42
N GLN A 155 0.87 7.50 -2.71
CA GLN A 155 0.63 6.15 -3.23
C GLN A 155 1.98 5.61 -3.67
N THR A 156 2.76 5.26 -2.65
CA THR A 156 4.18 4.98 -2.82
C THR A 156 4.43 3.86 -3.83
N HIS A 157 3.68 2.77 -3.75
CA HIS A 157 3.98 1.64 -4.61
C HIS A 157 3.61 1.97 -6.05
N MET A 158 2.41 2.53 -6.24
CA MET A 158 2.01 3.03 -7.56
C MET A 158 3.04 4.00 -8.11
N SER A 159 3.53 4.89 -7.26
CA SER A 159 4.48 5.90 -7.71
C SER A 159 5.78 5.27 -8.19
N MET A 160 6.34 4.34 -7.40
CA MET A 160 7.56 3.64 -7.78
C MET A 160 7.34 2.84 -9.07
N HIS A 161 6.16 2.23 -9.19
CA HIS A 161 5.84 1.44 -10.37
C HIS A 161 5.98 2.27 -11.64
N HIS A 162 5.49 3.51 -11.62
CA HIS A 162 5.63 4.30 -12.83
C HIS A 162 7.01 4.93 -12.93
N ILE A 163 7.59 5.38 -11.80
CA ILE A 163 8.83 6.13 -11.89
C ILE A 163 9.97 5.27 -12.43
N VAL A 164 10.00 3.97 -12.13
CA VAL A 164 11.08 3.14 -12.66
C VAL A 164 10.96 3.03 -14.18
N GLN A 165 9.73 2.90 -14.68
CA GLN A 165 9.53 2.90 -16.13
C GLN A 165 10.07 4.18 -16.74
N ALA A 166 9.79 5.33 -16.13
CA ALA A 166 10.23 6.60 -16.69
C ALA A 166 11.75 6.68 -16.76
N ILE A 167 12.42 6.43 -15.63
CA ILE A 167 13.83 6.77 -15.56
C ILE A 167 14.65 5.85 -16.47
N ASP A 168 14.21 4.60 -16.67
CA ASP A 168 14.93 3.71 -17.57
C ASP A 168 14.88 4.23 -19.00
N SER A 169 13.68 4.61 -19.46
CA SER A 169 13.57 5.24 -20.77
C SER A 169 14.47 6.47 -20.87
N TYR A 170 14.36 7.38 -19.89
CA TYR A 170 15.15 8.62 -19.93
C TYR A 170 16.65 8.34 -19.86
N LYS A 171 17.06 7.43 -18.97
CA LYS A 171 18.47 7.09 -18.83
C LYS A 171 19.00 6.39 -20.08
N ALA A 172 18.12 5.80 -20.87
CA ALA A 172 18.51 5.19 -22.13
C ALA A 172 18.80 6.21 -23.22
N HIS A 173 18.34 7.45 -23.09
CA HIS A 173 18.58 8.45 -24.11
C HIS A 173 19.59 9.46 -23.60
N GLU A 174 19.91 10.43 -24.46
CA GLU A 174 20.85 11.49 -24.15
C GLU A 174 20.09 12.81 -24.02
N ASN A 175 20.56 13.65 -23.10
CA ASN A 175 20.08 15.01 -22.87
C ASN A 175 18.72 15.11 -22.20
N TYR A 176 18.25 14.08 -21.51
CA TYR A 176 17.02 14.26 -20.74
C TYR A 176 17.36 14.47 -19.28
N THR A 177 18.41 15.26 -19.07
CA THR A 177 19.03 15.36 -17.76
C THR A 177 18.06 15.94 -16.76
N VAL A 178 17.31 16.96 -17.18
CA VAL A 178 16.31 17.56 -16.31
C VAL A 178 15.34 16.50 -15.80
N ARG A 179 14.79 15.69 -16.70
CA ARG A 179 13.84 14.67 -16.26
C ARG A 179 14.52 13.58 -15.44
N VAL A 180 15.79 13.30 -15.72
CA VAL A 180 16.48 12.30 -14.91
C VAL A 180 16.64 12.80 -13.47
N ILE A 181 16.97 14.08 -13.29
CA ILE A 181 16.99 14.66 -11.95
C ILE A 181 15.62 14.54 -11.32
N GLN A 182 14.58 14.92 -12.07
CA GLN A 182 13.24 14.92 -11.49
C GLN A 182 12.81 13.52 -11.08
N CYS A 183 13.20 12.50 -11.87
CA CYS A 183 12.90 11.13 -11.49
C CYS A 183 13.63 10.72 -10.22
N SER A 184 14.87 11.20 -10.07
CA SER A 184 15.64 10.96 -8.87
C SER A 184 14.96 11.58 -7.66
N PHE A 185 14.37 12.78 -7.83
CA PHE A 185 13.51 13.35 -6.80
C PHE A 185 12.43 12.37 -6.39
N VAL A 186 11.69 11.85 -7.36
CA VAL A 186 10.52 11.03 -7.05
C VAL A 186 10.95 9.75 -6.34
N ILE A 187 11.98 9.08 -6.87
CA ILE A 187 12.49 7.86 -6.24
C ILE A 187 12.91 8.14 -4.80
N GLY A 188 13.80 9.11 -4.62
CA GLY A 188 14.25 9.44 -3.28
C GLY A 188 13.10 9.76 -2.35
N LEU A 189 12.12 10.54 -2.83
CA LEU A 189 11.04 10.97 -1.95
C LEU A 189 10.14 9.80 -1.57
N ASN A 190 10.01 8.80 -2.44
CA ASN A 190 9.25 7.61 -2.08
C ASN A 190 9.97 6.82 -0.99
N TYR A 191 11.30 6.71 -1.06
CA TYR A 191 12.04 6.06 0.04
C TYR A 191 11.83 6.82 1.35
N LEU A 192 11.90 8.14 1.30
CA LEU A 192 11.63 8.96 2.47
C LEU A 192 10.24 8.67 3.03
N ASP A 193 9.25 8.48 2.17
CA ASP A 193 7.92 8.14 2.66
C ASP A 193 7.84 6.74 3.22
N MET A 194 8.82 5.89 2.93
N MET A 194 8.81 5.89 2.93
CA MET A 194 8.94 4.58 3.53
CA MET A 194 8.93 4.58 3.54
C MET A 194 9.82 4.60 4.78
C MET A 194 9.85 4.60 4.76
N ASP A 195 10.16 5.79 5.27
CA ASP A 195 11.00 5.96 6.47
C ASP A 195 12.43 5.50 6.24
N TYR A 196 12.95 5.67 5.02
CA TYR A 196 14.31 5.27 4.67
C TYR A 196 15.14 6.49 4.24
N PRO A 197 15.27 7.49 5.12
CA PRO A 197 16.01 8.69 4.71
C PRO A 197 17.42 8.41 4.24
N GLU A 198 18.09 7.39 4.79
CA GLU A 198 19.42 7.08 4.28
C GLU A 198 19.37 6.41 2.91
N LYS A 199 18.25 5.83 2.52
CA LYS A 199 18.11 5.36 1.15
C LYS A 199 17.75 6.48 0.18
N ALA A 200 17.13 7.56 0.68
CA ALA A 200 16.73 8.67 -0.19
C ALA A 200 17.91 9.58 -0.51
N ILE A 201 18.80 9.78 0.45
CA ILE A 201 19.87 10.79 0.31
C ILE A 201 20.75 10.59 -0.92
N PRO A 202 21.21 9.37 -1.25
CA PRO A 202 22.01 9.22 -2.49
C PRO A 202 21.28 9.71 -3.74
N HIS A 203 19.97 9.46 -3.85
CA HIS A 203 19.26 9.93 -5.02
C HIS A 203 19.27 11.45 -5.10
N PHE A 204 19.10 12.13 -3.96
CA PHE A 204 19.09 13.59 -3.95
C PHE A 204 20.49 14.15 -4.16
N LYS A 205 21.52 13.51 -3.57
CA LYS A 205 22.90 13.95 -3.80
C LYS A 205 23.29 13.79 -5.26
N ASN A 206 22.88 12.67 -5.88
CA ASN A 206 23.05 12.50 -7.32
C ASN A 206 22.36 13.63 -8.10
N ALA A 207 21.11 13.91 -7.76
CA ALA A 207 20.38 14.98 -8.43
C ALA A 207 21.09 16.32 -8.26
N LEU A 208 21.57 16.60 -7.04
CA LEU A 208 22.22 17.89 -6.78
C LEU A 208 23.46 18.05 -7.66
N ASP A 209 24.22 16.98 -7.81
CA ASP A 209 25.43 17.04 -8.63
C ASP A 209 25.08 17.30 -10.09
N LYS A 210 24.06 16.61 -10.60
CA LYS A 210 23.61 16.84 -11.97
C LYS A 210 22.99 18.23 -12.11
N ALA A 211 22.25 18.68 -11.08
CA ALA A 211 21.66 20.00 -11.14
C ALA A 211 22.73 21.08 -11.19
N ARG A 212 23.89 20.84 -10.56
CA ARG A 212 24.96 21.84 -10.59
C ARG A 212 25.72 21.81 -11.90
N GLU A 213 25.92 20.61 -12.46
CA GLU A 213 26.61 20.48 -13.77
C GLU A 213 25.88 21.23 -14.87
N ILE A 214 24.55 21.15 -14.91
CA ILE A 214 23.78 21.84 -15.94
C ILE A 214 23.35 23.23 -15.46
N ASP A 215 23.85 23.63 -14.29
CA ASP A 215 23.65 24.95 -13.71
C ASP A 215 22.18 25.39 -13.70
N MET A 216 21.30 24.51 -13.23
CA MET A 216 19.88 24.83 -13.17
C MET A 216 19.49 25.13 -11.73
N SER A 217 19.42 26.42 -11.39
CA SER A 217 19.23 26.84 -10.00
C SER A 217 17.97 26.23 -9.39
N ARG A 218 16.88 26.22 -10.13
CA ARG A 218 15.63 25.66 -9.62
C ARG A 218 15.84 24.22 -9.15
N LEU A 219 16.53 23.40 -9.94
CA LEU A 219 16.78 22.02 -9.52
C LEU A 219 17.80 21.95 -8.39
N ILE A 220 18.75 22.88 -8.35
CA ILE A 220 19.69 22.92 -7.22
C ILE A 220 18.94 23.21 -5.93
N GLY A 221 18.11 24.25 -5.94
CA GLY A 221 17.35 24.58 -4.75
C GLY A 221 16.43 23.45 -4.31
N SER A 222 15.85 22.72 -5.27
CA SER A 222 14.94 21.62 -4.94
C SER A 222 15.70 20.43 -4.36
N SER A 223 16.90 20.13 -4.89
CA SER A 223 17.70 19.06 -4.31
C SER A 223 18.06 19.35 -2.86
N LEU A 224 18.51 20.58 -2.57
CA LEU A 224 18.79 20.96 -1.18
C LEU A 224 17.55 20.87 -0.28
N TYR A 225 16.39 21.24 -0.81
CA TYR A 225 15.16 21.08 -0.04
C TYR A 225 14.91 19.60 0.23
N ASN A 226 14.99 18.76 -0.81
CA ASN A 226 14.70 17.35 -0.61
C ASN A 226 15.70 16.73 0.37
N LEU A 227 16.98 17.16 0.30
CA LEU A 227 17.96 16.75 1.31
C LEU A 227 17.59 17.25 2.71
N GLY A 228 17.17 18.51 2.80
CA GLY A 228 16.73 19.01 4.10
C GLY A 228 15.61 18.16 4.68
N LEU A 229 14.72 17.66 3.81
CA LEU A 229 13.67 16.79 4.30
C LEU A 229 14.23 15.50 4.92
N CYS A 230 15.36 15.00 4.41
CA CYS A 230 15.94 13.78 4.99
C CYS A 230 16.52 14.05 6.38
N SER A 231 17.33 15.10 6.51
CA SER A 231 17.85 15.51 7.80
C SER A 231 16.71 15.76 8.78
N PHE A 232 15.63 16.40 8.32
CA PHE A 232 14.50 16.64 9.20
C PHE A 232 13.94 15.33 9.73
N ALA A 233 13.72 14.37 8.83
CA ALA A 233 13.23 13.06 9.22
C ALA A 233 14.19 12.37 10.19
N GLU A 234 15.48 12.66 10.08
CA GLU A 234 16.49 12.08 10.95
C GLU A 234 16.65 12.88 12.22
N GLU A 235 15.85 13.94 12.37
CA GLU A 235 15.92 14.85 13.49
C GLU A 235 17.25 15.57 13.57
N ALA A 236 17.97 15.63 12.45
CA ALA A 236 19.16 16.50 12.37
C ALA A 236 18.68 17.90 12.00
N TYR A 237 18.07 18.56 13.00
CA TYR A 237 17.32 19.77 12.67
C TYR A 237 18.23 20.90 12.26
N GLU A 238 19.40 21.05 12.89
CA GLU A 238 20.30 22.11 12.46
C GLU A 238 20.75 21.89 11.02
N LYS A 239 21.08 20.66 10.66
CA LYS A 239 21.48 20.42 9.27
C LYS A 239 20.30 20.64 8.33
N ALA A 240 19.10 20.15 8.70
CA ALA A 240 17.92 20.40 7.88
C ALA A 240 17.72 21.90 7.67
N SER A 241 17.89 22.68 8.74
CA SER A 241 17.75 24.13 8.66
C SER A 241 18.73 24.74 7.67
N GLU A 242 19.98 24.25 7.68
CA GLU A 242 20.99 24.72 6.73
C GLU A 242 20.60 24.41 5.31
N TYR A 243 20.08 23.20 5.08
CA TYR A 243 19.63 22.83 3.75
C TYR A 243 18.47 23.71 3.30
N PHE A 244 17.51 23.95 4.20
CA PHE A 244 16.35 24.74 3.81
C PHE A 244 16.74 26.18 3.49
N LYS A 245 17.66 26.75 4.27
CA LYS A 245 18.07 28.14 4.05
C LYS A 245 18.80 28.30 2.72
N GLU A 246 19.74 27.40 2.43
CA GLU A 246 20.50 27.51 1.19
C GLU A 246 19.58 27.30 -0.03
N GLY A 247 18.62 26.38 0.08
CA GLY A 247 17.66 26.20 -1.00
C GLY A 247 16.83 27.43 -1.24
N ILE A 248 16.37 28.07 -0.15
CA ILE A 248 15.65 29.34 -0.28
C ILE A 248 16.52 30.37 -0.98
N ARG A 249 17.78 30.51 -0.53
CA ARG A 249 18.72 31.47 -1.12
C ARG A 249 18.91 31.19 -2.60
N VAL A 250 19.12 29.92 -2.95
CA VAL A 250 19.23 29.56 -4.36
C VAL A 250 18.01 30.04 -5.14
N TYR A 251 16.80 29.71 -4.67
CA TYR A 251 15.59 30.17 -5.36
C TYR A 251 15.56 31.69 -5.45
N GLN A 252 15.86 32.37 -4.33
CA GLN A 252 15.69 33.82 -4.30
C GLN A 252 16.72 34.54 -5.15
N ASP A 253 17.91 33.94 -5.34
CA ASP A 253 18.98 34.60 -6.07
C ASP A 253 18.90 34.40 -7.58
N ASN A 254 18.07 33.50 -8.07
CA ASN A 254 18.06 33.15 -9.49
C ASN A 254 16.66 33.26 -10.10
N GLY A 255 15.83 34.17 -9.58
CA GLY A 255 14.56 34.47 -10.21
C GLY A 255 13.39 33.60 -9.80
N TYR A 256 13.51 32.83 -8.73
CA TYR A 256 12.41 32.00 -8.26
C TYR A 256 11.86 32.45 -6.91
N GLU A 257 12.11 33.72 -6.53
CA GLU A 257 11.62 34.22 -5.25
C GLU A 257 10.09 34.24 -5.20
N HIS A 258 9.42 34.12 -6.34
CA HIS A 258 7.97 34.14 -6.42
C HIS A 258 7.43 32.82 -6.93
N SER A 259 8.26 31.79 -7.00
CA SER A 259 7.77 30.45 -7.30
C SER A 259 7.00 29.92 -6.09
N ASN A 260 5.75 29.52 -6.32
N ASN A 260 5.75 29.52 -6.30
CA ASN A 260 4.93 28.97 -5.25
CA ASN A 260 4.98 29.05 -5.15
C ASN A 260 5.64 27.86 -4.48
C ASN A 260 5.60 27.82 -4.49
N ARG A 261 6.57 27.17 -5.13
CA ARG A 261 7.21 26.01 -4.52
C ARG A 261 8.30 26.42 -3.53
N ILE A 262 8.77 27.67 -3.59
CA ILE A 262 9.60 28.18 -2.51
C ILE A 262 8.88 28.09 -1.17
N LEU A 263 7.52 28.14 -1.19
CA LEU A 263 6.77 28.08 0.07
C LEU A 263 6.97 26.76 0.81
N ASP A 264 7.21 25.65 0.09
CA ASP A 264 7.50 24.38 0.74
C ASP A 264 8.75 24.48 1.60
N ILE A 265 9.78 25.14 1.07
CA ILE A 265 11.05 25.24 1.78
C ILE A 265 10.90 26.13 2.99
N LEU A 266 10.18 27.24 2.83
CA LEU A 266 9.90 28.14 3.95
C LEU A 266 9.07 27.44 5.02
N LEU A 267 8.11 26.63 4.61
CA LEU A 267 7.29 25.93 5.58
C LEU A 267 8.15 25.00 6.41
N MET A 268 8.96 24.19 5.75
CA MET A 268 9.79 23.21 6.46
C MET A 268 10.86 23.91 7.32
N LEU A 269 11.41 25.04 6.85
CA LEU A 269 12.33 25.82 7.69
C LEU A 269 11.61 26.33 8.93
N THR A 270 10.37 26.77 8.75
CA THR A 270 9.60 27.24 9.90
C THR A 270 9.42 26.14 10.92
N LYS A 271 8.89 24.98 10.47
CA LYS A 271 8.75 23.80 11.33
C LYS A 271 10.07 23.49 12.00
N THR A 272 11.14 23.54 11.21
CA THR A 272 12.46 23.22 11.71
C THR A 272 12.87 24.18 12.81
N THR A 273 12.60 25.46 12.61
CA THR A 273 12.99 26.44 13.59
C THR A 273 12.25 26.23 14.91
N PHE A 274 10.96 25.89 14.87
CA PHE A 274 10.23 25.59 16.10
C PHE A 274 10.77 24.32 16.75
N LYS A 275 11.15 23.32 15.94
CA LYS A 275 11.68 22.07 16.52
C LYS A 275 12.97 22.32 17.31
N MET A 276 13.75 23.33 16.91
CA MET A 276 14.95 23.72 17.63
C MET A 276 14.62 24.68 18.76
N ARG A 277 13.33 24.89 19.03
CA ARG A 277 12.81 25.76 20.09
C ARG A 277 13.28 27.20 19.95
N ASN A 278 13.56 27.68 18.75
CA ASN A 278 13.81 29.10 18.56
C ASN A 278 12.47 29.75 18.27
N HIS A 279 11.75 30.09 19.35
CA HIS A 279 10.34 30.43 19.23
C HIS A 279 10.15 31.67 18.37
N SER A 280 10.88 32.72 18.70
CA SER A 280 10.72 33.99 18.01
C SER A 280 11.08 33.91 16.55
N GLU A 281 12.16 33.20 16.23
CA GLU A 281 12.54 33.01 14.83
C GLU A 281 11.52 32.17 14.08
N GLY A 282 10.97 31.15 14.72
CA GLY A 282 9.92 30.38 14.11
C GLY A 282 8.75 31.24 13.71
N ILE A 283 8.31 32.13 14.62
CA ILE A 283 7.20 33.01 14.28
C ILE A 283 7.59 33.92 13.12
N SER A 284 8.81 34.42 13.16
CA SER A 284 9.28 35.30 12.09
C SER A 284 9.22 34.57 10.74
N TRP A 285 9.81 33.38 10.66
CA TRP A 285 9.76 32.63 9.40
C TRP A 285 8.32 32.31 9.01
N CYS A 286 7.51 31.90 9.98
CA CYS A 286 6.14 31.53 9.68
C CYS A 286 5.40 32.71 9.07
N ALA A 287 5.57 33.90 9.66
CA ALA A 287 4.90 35.09 9.15
C ALA A 287 5.40 35.46 7.76
N HIS A 288 6.71 35.37 7.51
CA HIS A 288 7.20 35.65 6.16
C HIS A 288 6.63 34.65 5.17
N GLY A 289 6.57 33.37 5.53
CA GLY A 289 6.02 32.39 4.62
C GLY A 289 4.54 32.63 4.40
N LEU A 290 3.82 33.00 5.48
CA LEU A 290 2.40 33.32 5.36
C LEU A 290 2.18 34.51 4.43
N SER A 291 2.92 35.61 4.65
CA SER A 291 2.78 36.79 3.79
C SER A 291 3.04 36.44 2.32
N LEU A 292 4.13 35.70 2.05
CA LEU A 292 4.43 35.34 0.67
C LEU A 292 3.34 34.45 0.09
N SER A 293 2.86 33.48 0.87
CA SER A 293 1.73 32.67 0.41
C SER A 293 0.55 33.56 -0.03
N LYS A 294 0.22 34.57 0.79
CA LYS A 294 -0.88 35.45 0.46
C LYS A 294 -0.58 36.28 -0.77
N ASN A 295 0.67 36.75 -0.91
CA ASN A 295 1.02 37.55 -2.08
C ASN A 295 1.03 36.71 -3.34
N LEU A 296 1.42 35.44 -3.25
CA LEU A 296 1.36 34.54 -4.41
C LEU A 296 -0.02 33.95 -4.61
N ASN A 297 -1.01 34.39 -3.83
CA ASN A 297 -2.38 33.90 -3.96
C ASN A 297 -2.46 32.37 -3.86
N ASP A 298 -1.68 31.78 -2.96
CA ASP A 298 -1.68 30.34 -2.73
C ASP A 298 -2.40 30.08 -1.40
N GLU A 299 -3.70 29.85 -1.51
CA GLU A 299 -4.52 29.59 -0.33
C GLU A 299 -4.05 28.35 0.41
N ILE A 300 -3.71 27.29 -0.35
CA ILE A 300 -3.38 26.02 0.27
C ILE A 300 -2.10 26.14 1.09
N MET A 301 -1.07 26.77 0.54
CA MET A 301 0.15 27.00 1.32
C MET A 301 -0.14 27.91 2.52
N ALA A 302 -0.97 28.94 2.34
CA ALA A 302 -1.27 29.83 3.46
C ALA A 302 -1.83 29.04 4.63
N LYS A 303 -2.76 28.12 4.35
CA LYS A 303 -3.35 27.32 5.41
C LYS A 303 -2.30 26.55 6.20
N MET A 304 -1.23 26.10 5.53
CA MET A 304 -0.26 25.28 6.24
C MET A 304 0.57 26.16 7.18
N PHE A 305 0.88 27.37 6.76
CA PHE A 305 1.54 28.33 7.65
C PHE A 305 0.63 28.72 8.79
N GLU A 306 -0.67 28.90 8.50
CA GLU A 306 -1.63 29.20 9.56
C GLU A 306 -1.69 28.07 10.56
N PHE A 307 -1.58 26.81 10.10
CA PHE A 307 -1.60 25.67 11.02
C PHE A 307 -0.43 25.70 11.98
N ILE A 308 0.79 25.83 11.44
CA ILE A 308 1.99 25.81 12.28
C ILE A 308 1.93 26.93 13.31
N HIS A 309 1.51 28.11 12.88
CA HIS A 309 1.38 29.25 13.79
C HIS A 309 0.32 28.97 14.85
N ALA A 310 -0.84 28.47 14.41
CA ALA A 310 -1.87 28.14 15.40
C ALA A 310 -1.43 27.03 16.33
N LEU A 311 -0.52 26.17 15.87
CA LEU A 311 -0.04 25.09 16.73
C LEU A 311 0.93 25.62 17.78
N TYR A 312 2.05 26.19 17.35
CA TYR A 312 3.12 26.56 18.26
C TYR A 312 2.90 27.88 18.99
N VAL A 313 2.06 28.78 18.46
CA VAL A 313 1.96 30.10 19.07
C VAL A 313 0.82 30.17 20.05
N ASP A 314 -0.43 30.01 19.58
CA ASP A 314 -1.55 30.22 20.49
C ASP A 314 -2.35 28.96 20.77
N ASN A 315 -1.94 27.81 20.21
CA ASN A 315 -2.62 26.54 20.48
C ASN A 315 -4.11 26.59 20.12
N ASP A 316 -4.41 27.10 18.93
CA ASP A 316 -5.80 27.25 18.51
C ASP A 316 -6.22 25.96 17.81
N ASN A 317 -6.70 25.00 18.62
CA ASN A 317 -6.99 23.65 18.15
C ASN A 317 -8.22 23.57 17.28
N GLU A 318 -9.23 24.42 17.54
CA GLU A 318 -10.34 24.59 16.61
C GLU A 318 -9.84 24.96 15.23
N LYS A 319 -8.88 25.87 15.15
CA LYS A 319 -8.32 26.21 13.85
C LYS A 319 -7.48 25.08 13.28
N LEU A 320 -6.73 24.37 14.12
CA LEU A 320 -6.00 23.22 13.61
C LEU A 320 -6.96 22.22 13.00
N ASN A 321 -8.08 21.96 13.68
CA ASN A 321 -9.04 20.97 13.16
C ASN A 321 -9.65 21.44 11.85
N SER A 322 -9.98 22.71 11.76
CA SER A 322 -10.59 23.24 10.54
C SER A 322 -9.62 23.19 9.37
N ILE A 323 -8.34 23.44 9.62
CA ILE A 323 -7.36 23.34 8.55
C ILE A 323 -7.19 21.88 8.12
N LEU A 324 -7.13 20.95 9.08
CA LEU A 324 -6.95 19.54 8.69
C LEU A 324 -8.11 19.08 7.83
N ASN A 325 -9.33 19.46 8.20
CA ASN A 325 -10.48 19.12 7.39
C ASN A 325 -10.39 19.75 6.00
N TYR A 326 -9.96 21.01 5.92
CA TYR A 326 -9.79 21.64 4.62
C TYR A 326 -8.82 20.85 3.74
N LEU A 327 -7.64 20.52 4.24
CA LEU A 327 -6.67 19.81 3.42
C LEU A 327 -7.21 18.45 2.99
N GLU A 328 -8.03 17.80 3.82
CA GLU A 328 -8.65 16.55 3.40
C GLU A 328 -9.62 16.79 2.25
N LEU A 329 -10.37 17.87 2.30
CA LEU A 329 -11.25 18.20 1.18
C LEU A 329 -10.45 18.55 -0.06
N LYS A 330 -9.20 18.96 0.08
CA LYS A 330 -8.31 19.15 -1.06
C LYS A 330 -7.59 17.88 -1.46
N SER A 331 -7.95 16.73 -0.88
CA SER A 331 -7.34 15.45 -1.25
C SER A 331 -5.84 15.50 -1.01
N MET A 332 -5.44 16.22 0.04
CA MET A 332 -4.03 16.33 0.39
C MET A 332 -3.78 15.61 1.72
N LEU A 333 -3.98 14.30 1.68
CA LEU A 333 -3.98 13.55 2.92
C LEU A 333 -2.60 13.47 3.54
N SER A 334 -1.55 13.54 2.73
CA SER A 334 -0.21 13.43 3.32
C SER A 334 0.08 14.64 4.19
N ASP A 335 -0.40 15.82 3.78
CA ASP A 335 -0.22 17.02 4.57
C ASP A 335 -1.09 16.96 5.81
N VAL A 336 -2.30 16.41 5.68
CA VAL A 336 -3.10 16.13 6.86
C VAL A 336 -2.30 15.30 7.84
N GLU A 337 -1.67 14.24 7.35
CA GLU A 337 -0.89 13.36 8.20
C GLU A 337 0.31 14.07 8.80
N ASP A 338 1.08 14.79 7.97
CA ASP A 338 2.23 15.50 8.50
C ASP A 338 1.81 16.52 9.55
N LEU A 339 0.79 17.33 9.25
CA LEU A 339 0.43 18.41 10.17
C LEU A 339 -0.18 17.86 11.46
N ALA A 340 -1.06 16.85 11.36
CA ALA A 340 -1.60 16.19 12.56
C ALA A 340 -0.51 15.56 13.39
N SER A 341 0.53 15.05 12.74
CA SER A 341 1.67 14.48 13.45
C SER A 341 2.42 15.55 14.23
N ASP A 342 2.60 16.73 13.63
CA ASP A 342 3.22 17.84 14.34
C ASP A 342 2.44 18.18 15.60
N ALA A 343 1.11 18.31 15.47
CA ALA A 343 0.29 18.66 16.62
C ALA A 343 0.33 17.54 17.67
N ALA A 344 0.28 16.28 17.24
CA ALA A 344 0.34 15.15 18.18
C ALA A 344 1.61 15.20 18.99
N LYS A 345 2.75 15.34 18.31
CA LYS A 345 4.04 15.35 18.99
C LYS A 345 4.18 16.58 19.88
N TYR A 346 3.75 17.76 19.40
CA TYR A 346 3.79 18.96 20.23
C TYR A 346 3.01 18.76 21.52
N TYR A 347 1.74 18.33 21.42
CA TYR A 347 0.94 18.21 22.64
C TYR A 347 1.44 17.07 23.53
N ASN A 348 2.07 16.06 22.94
CA ASN A 348 2.66 14.99 23.75
C ASN A 348 3.82 15.52 24.58
N GLU A 349 4.75 16.24 23.94
CA GLU A 349 5.87 16.82 24.66
C GLU A 349 5.40 17.76 25.75
N LYS A 350 4.37 18.55 25.47
CA LYS A 350 3.83 19.44 26.48
C LYS A 350 3.11 18.67 27.56
N GLU A 351 2.97 17.35 27.42
CA GLU A 351 2.28 16.50 28.37
C GLU A 351 0.79 16.83 28.43
N ASP A 352 0.23 17.38 27.35
CA ASP A 352 -1.22 17.51 27.19
C ASP A 352 -1.70 16.29 26.42
N HIS A 353 -1.73 15.16 27.14
CA HIS A 353 -1.86 13.88 26.45
C HIS A 353 -3.27 13.68 25.92
N LYS A 354 -4.28 14.25 26.57
CA LYS A 354 -5.63 14.13 26.03
C LYS A 354 -5.73 14.78 24.65
N VAL A 355 -5.11 15.95 24.46
CA VAL A 355 -5.12 16.58 23.15
C VAL A 355 -4.21 15.84 22.19
N ALA A 356 -3.04 15.40 22.67
CA ALA A 356 -2.15 14.62 21.80
C ALA A 356 -2.84 13.38 21.24
N VAL A 357 -3.63 12.69 22.06
CA VAL A 357 -4.36 11.52 21.57
C VAL A 357 -5.20 11.88 20.35
N ALA A 358 -5.95 12.98 20.45
CA ALA A 358 -6.85 13.36 19.35
C ALA A 358 -6.07 13.55 18.06
N TYR A 359 -4.89 14.14 18.12
CA TYR A 359 -4.19 14.33 16.86
C TYR A 359 -3.57 13.04 16.37
N TYR A 360 -3.18 12.15 17.29
CA TYR A 360 -2.75 10.82 16.85
C TYR A 360 -3.87 10.09 16.13
N GLU A 361 -5.11 10.23 16.62
CA GLU A 361 -6.24 9.62 15.91
C GLU A 361 -6.39 10.21 14.53
N LYS A 362 -6.16 11.53 14.38
CA LYS A 362 -6.21 12.13 13.06
C LYS A 362 -5.08 11.61 12.19
N VAL A 363 -3.89 11.39 12.75
CA VAL A 363 -2.81 10.80 11.96
C VAL A 363 -3.19 9.40 11.50
N LEU A 364 -3.76 8.60 12.40
CA LEU A 364 -4.23 7.26 12.02
C LEU A 364 -5.32 7.33 10.97
N TYR A 365 -6.26 8.26 11.13
CA TYR A 365 -7.33 8.39 10.16
C TYR A 365 -6.75 8.72 8.78
N ALA A 366 -5.80 9.65 8.72
CA ALA A 366 -5.23 10.04 7.44
C ALA A 366 -4.50 8.87 6.78
N ARG A 367 -3.72 8.13 7.55
CA ARG A 367 -3.01 6.98 6.99
C ARG A 367 -4.00 5.96 6.43
N LYS A 368 -5.13 5.76 7.10
CA LYS A 368 -6.13 4.83 6.59
C LYS A 368 -6.75 5.36 5.30
N GLN A 369 -7.07 6.66 5.24
CA GLN A 369 -7.54 7.23 3.98
C GLN A 369 -6.51 7.03 2.88
N ILE A 370 -5.23 7.19 3.19
CA ILE A 370 -4.21 7.03 2.18
C ILE A 370 -4.14 5.57 1.71
N GLN A 371 -4.20 4.62 2.64
CA GLN A 371 -4.16 3.20 2.28
C GLN A 371 -5.37 2.76 1.49
N ARG A 372 -6.53 3.39 1.72
CA ARG A 372 -7.74 3.10 0.96
C ARG A 372 -7.58 3.37 -0.54
N GLY A 373 -6.61 4.18 -0.94
CA GLY A 373 -6.33 4.41 -2.36
C GLY A 373 -7.46 5.04 -3.14
N SER B 7 4.81 -48.32 -16.43
CA SER B 7 5.53 -47.19 -17.01
C SER B 7 5.74 -46.10 -15.96
N SER B 8 6.79 -45.28 -16.11
CA SER B 8 6.97 -44.20 -15.16
C SER B 8 6.06 -43.03 -15.49
N SER B 9 5.71 -42.87 -16.77
CA SER B 9 4.72 -41.87 -17.15
C SER B 9 3.36 -42.24 -16.61
N LYS B 10 3.03 -43.53 -16.62
CA LYS B 10 1.75 -44.01 -16.10
C LYS B 10 1.60 -43.70 -14.61
N VAL B 11 2.63 -43.99 -13.83
CA VAL B 11 2.56 -43.66 -12.40
C VAL B 11 2.48 -42.16 -12.21
N GLY B 12 3.25 -41.41 -12.99
CA GLY B 12 3.20 -39.95 -12.87
C GLY B 12 1.83 -39.38 -13.20
N VAL B 13 1.17 -39.94 -14.22
CA VAL B 13 -0.21 -39.55 -14.49
C VAL B 13 -1.09 -39.79 -13.26
N LYS B 14 -0.90 -40.92 -12.58
CA LYS B 14 -1.75 -41.21 -11.42
C LYS B 14 -1.51 -40.20 -10.30
N ILE B 15 -0.26 -39.76 -10.10
CA ILE B 15 -0.01 -38.77 -9.07
C ILE B 15 -0.62 -37.43 -9.47
N ASN B 16 -0.57 -37.11 -10.76
CA ASN B 16 -1.31 -35.94 -11.24
C ASN B 16 -2.79 -36.06 -10.90
N GLU B 17 -3.40 -37.21 -11.20
CA GLU B 17 -4.82 -37.40 -10.90
C GLU B 17 -5.08 -37.29 -9.40
N TRP B 18 -4.24 -37.95 -8.59
CA TRP B 18 -4.28 -37.80 -7.14
C TRP B 18 -4.34 -36.34 -6.72
N TYR B 19 -3.47 -35.51 -7.29
CA TYR B 19 -3.41 -34.10 -6.91
C TYR B 19 -4.71 -33.39 -7.26
N LYS B 20 -5.26 -33.71 -8.42
CA LYS B 20 -6.56 -33.17 -8.82
C LYS B 20 -7.62 -33.44 -7.77
N TYR B 21 -7.72 -34.68 -7.31
CA TYR B 21 -8.73 -35.00 -6.32
C TYR B 21 -8.49 -34.24 -5.01
N ILE B 22 -7.22 -34.01 -4.65
CA ILE B 22 -6.89 -33.28 -3.43
C ILE B 22 -7.41 -31.85 -3.51
N ARG B 23 -7.06 -31.16 -4.60
CA ARG B 23 -7.57 -29.82 -4.83
C ARG B 23 -9.09 -29.77 -4.83
N LEU B 24 -9.76 -30.89 -5.17
CA LEU B 24 -11.22 -30.95 -5.09
C LEU B 24 -11.72 -31.35 -3.71
N PHE B 25 -10.83 -31.64 -2.75
CA PHE B 25 -11.22 -32.11 -1.42
C PHE B 25 -12.07 -33.38 -1.50
N SER B 26 -11.88 -34.17 -2.55
CA SER B 26 -12.50 -35.49 -2.64
C SER B 26 -11.59 -36.48 -1.93
N VAL B 27 -11.83 -36.69 -0.64
CA VAL B 27 -11.04 -37.61 0.17
C VAL B 27 -11.18 -39.06 -0.28
N PRO B 28 -12.39 -39.55 -0.59
CA PRO B 28 -12.47 -40.95 -1.07
C PRO B 28 -11.66 -41.17 -2.34
N ASP B 29 -11.76 -40.28 -3.33
CA ASP B 29 -10.96 -40.43 -4.54
C ASP B 29 -9.47 -40.31 -4.24
N SER B 30 -9.09 -39.37 -3.35
CA SER B 30 -7.69 -39.19 -2.99
C SER B 30 -7.09 -40.45 -2.40
N GLU B 31 -7.85 -41.15 -1.55
CA GLU B 31 -7.34 -42.36 -0.90
C GLU B 31 -7.25 -43.50 -1.91
N ILE B 32 -8.19 -43.57 -2.83
CA ILE B 32 -8.10 -44.56 -3.88
C ILE B 32 -6.83 -44.34 -4.69
N LEU B 33 -6.61 -43.11 -5.14
CA LEU B 33 -5.43 -42.94 -6.03
C LEU B 33 -4.14 -43.02 -5.21
N LYS B 34 -4.13 -42.59 -3.95
CA LYS B 34 -2.97 -42.86 -3.11
C LYS B 34 -2.67 -44.36 -3.08
N ALA B 35 -3.69 -45.17 -2.83
CA ALA B 35 -3.48 -46.61 -2.77
C ALA B 35 -3.04 -47.16 -4.12
N GLU B 36 -3.60 -46.60 -5.21
CA GLU B 36 -3.18 -46.98 -6.57
C GLU B 36 -1.71 -46.63 -6.80
N VAL B 37 -1.32 -45.42 -6.41
CA VAL B 37 0.06 -44.99 -6.64
C VAL B 37 1.02 -45.86 -5.85
N GLU B 38 0.67 -46.15 -4.60
CA GLU B 38 1.51 -47.00 -3.78
C GLU B 38 1.62 -48.42 -4.34
N GLU B 39 0.53 -48.95 -4.92
CA GLU B 39 0.63 -50.25 -5.59
C GLU B 39 1.53 -50.18 -6.81
N GLU B 40 1.41 -49.13 -7.62
CA GLU B 40 2.21 -49.08 -8.84
C GLU B 40 3.68 -48.88 -8.53
N ILE B 41 3.99 -48.14 -7.46
CA ILE B 41 5.38 -47.89 -7.08
C ILE B 41 6.09 -49.19 -6.73
N ARG B 42 5.40 -50.11 -6.05
CA ARG B 42 6.05 -51.33 -5.60
C ARG B 42 6.47 -52.27 -6.73
N HIS B 43 6.00 -52.09 -7.97
CA HIS B 43 6.49 -52.90 -9.09
C HIS B 43 6.96 -52.04 -10.24
N MET B 44 7.62 -50.92 -9.97
CA MET B 44 8.18 -50.10 -11.03
C MET B 44 9.69 -49.98 -10.85
N LYS B 45 10.38 -49.74 -11.97
CA LYS B 45 11.81 -49.45 -11.92
C LYS B 45 12.07 -48.18 -11.11
N GLU B 46 13.23 -48.13 -10.47
CA GLU B 46 13.54 -46.99 -9.61
C GLU B 46 13.63 -45.69 -10.42
N ASP B 47 13.07 -44.62 -9.86
CA ASP B 47 12.98 -43.34 -10.56
C ASP B 47 12.89 -42.28 -9.46
N HIS B 48 14.05 -41.72 -9.09
CA HIS B 48 14.14 -40.86 -7.92
C HIS B 48 13.27 -39.62 -8.06
N ASP B 49 13.05 -39.15 -9.29
CA ASP B 49 12.17 -38.00 -9.46
C ASP B 49 10.74 -38.39 -9.17
N LEU B 50 10.31 -39.52 -9.74
CA LEU B 50 8.98 -40.04 -9.47
C LEU B 50 8.78 -40.31 -7.99
N LEU B 51 9.82 -40.79 -7.31
CA LEU B 51 9.72 -41.08 -5.87
C LEU B 51 9.54 -39.81 -5.07
N LEU B 52 10.26 -38.75 -5.44
CA LEU B 52 10.05 -37.49 -4.74
C LEU B 52 8.66 -36.94 -5.05
N TYR B 53 8.23 -37.00 -6.31
CA TYR B 53 6.87 -36.60 -6.66
C TYR B 53 5.87 -37.33 -5.78
N TYR B 54 6.07 -38.64 -5.59
CA TYR B 54 5.22 -39.39 -4.69
C TYR B 54 5.26 -38.82 -3.27
N SER B 55 6.46 -38.63 -2.73
CA SER B 55 6.58 -38.14 -1.34
C SER B 55 5.98 -36.75 -1.18
N LEU B 56 6.08 -35.91 -2.20
CA LEU B 56 5.46 -34.59 -2.11
C LEU B 56 3.95 -34.70 -2.06
N MET B 57 3.37 -35.62 -2.83
CA MET B 57 1.92 -35.72 -2.86
C MET B 57 1.40 -36.35 -1.57
N CYS B 58 2.13 -37.32 -1.01
CA CYS B 58 1.85 -37.78 0.35
C CYS B 58 1.75 -36.61 1.31
N PHE B 59 2.76 -35.73 1.29
CA PHE B 59 2.78 -34.49 2.07
C PHE B 59 1.50 -33.70 1.86
N ARG B 60 1.21 -33.38 0.59
CA ARG B 60 0.06 -32.56 0.25
C ARG B 60 -1.23 -33.24 0.66
N HIS B 61 -1.30 -34.56 0.48
CA HIS B 61 -2.47 -35.31 0.91
C HIS B 61 -2.67 -35.16 2.41
N GLN B 62 -1.60 -35.37 3.17
CA GLN B 62 -1.67 -35.19 4.62
C GLN B 62 -2.09 -33.77 4.96
N LEU B 63 -1.61 -32.77 4.21
CA LEU B 63 -2.06 -31.40 4.46
C LEU B 63 -3.58 -31.31 4.39
N MET B 64 -4.18 -31.94 3.37
CA MET B 64 -5.62 -31.97 3.22
C MET B 64 -6.31 -32.65 4.40
N LEU B 65 -5.79 -33.82 4.79
CA LEU B 65 -6.38 -34.56 5.91
C LEU B 65 -6.33 -33.73 7.19
N ASP B 66 -5.17 -33.13 7.47
CA ASP B 66 -5.02 -32.34 8.69
C ASP B 66 -6.00 -31.17 8.70
N TYR B 67 -6.31 -30.60 7.53
CA TYR B 67 -7.30 -29.53 7.47
C TYR B 67 -8.72 -30.03 7.77
N LEU B 68 -9.10 -31.19 7.20
CA LEU B 68 -10.47 -31.67 7.36
C LEU B 68 -10.68 -32.38 8.69
N GLU B 69 -9.62 -32.99 9.23
CA GLU B 69 -9.66 -33.70 10.51
C GLU B 69 -8.43 -33.26 11.29
N PRO B 70 -8.58 -32.32 12.23
CA PRO B 70 -7.42 -31.89 13.03
C PRO B 70 -6.93 -33.04 13.89
N LYS B 71 -5.64 -33.31 13.82
CA LYS B 71 -5.05 -34.43 14.54
C LYS B 71 -4.66 -33.97 15.93
N THR B 72 -5.03 -34.77 16.94
CA THR B 72 -4.78 -34.43 18.33
C THR B 72 -3.31 -34.65 18.70
N LEU B 73 -2.84 -33.87 19.68
CA LEU B 73 -1.42 -33.87 20.05
C LEU B 73 -0.99 -35.13 20.84
N PRO B 78 3.35 -37.21 14.53
CA PRO B 78 2.46 -36.86 13.41
C PRO B 78 3.06 -37.30 12.06
N LYS B 79 2.20 -37.76 11.15
CA LYS B 79 2.69 -38.22 9.84
C LYS B 79 3.33 -37.07 9.07
N ILE B 80 2.84 -35.84 9.26
CA ILE B 80 3.33 -34.70 8.48
C ILE B 80 4.83 -34.49 8.67
N SER B 81 5.38 -34.86 9.83
CA SER B 81 6.80 -34.64 10.09
C SER B 81 7.68 -35.67 9.39
N ASP B 82 7.32 -36.96 9.45
CA ASP B 82 8.05 -37.98 8.72
C ASP B 82 8.04 -37.71 7.22
N LEU B 83 6.90 -37.28 6.70
CA LEU B 83 6.82 -36.94 5.28
C LEU B 83 7.71 -35.74 4.95
N LEU B 84 7.75 -34.74 5.84
CA LEU B 84 8.63 -33.60 5.62
C LEU B 84 10.09 -34.03 5.62
N GLU B 85 10.43 -34.99 6.48
CA GLU B 85 11.80 -35.53 6.47
C GLU B 85 12.12 -36.16 5.12
N LYS B 86 11.26 -37.10 4.64
CA LYS B 86 11.51 -37.74 3.36
C LYS B 86 11.64 -36.71 2.23
N ILE B 87 10.96 -35.58 2.33
CA ILE B 87 10.98 -34.59 1.27
C ILE B 87 12.21 -33.71 1.34
N GLU B 88 12.72 -33.42 2.54
CA GLU B 88 13.90 -32.58 2.65
C GLU B 88 15.20 -33.34 2.35
N SER B 89 15.12 -34.59 1.90
CA SER B 89 16.30 -35.39 1.54
C SER B 89 16.66 -35.32 0.06
N SER B 90 15.77 -34.83 -0.81
CA SER B 90 16.00 -34.84 -2.26
C SER B 90 15.80 -33.43 -2.84
N GLN B 91 16.68 -32.49 -2.45
CA GLN B 91 16.62 -31.14 -2.98
C GLN B 91 17.71 -30.81 -3.99
N THR B 92 18.80 -31.57 -4.05
CA THR B 92 19.82 -31.28 -5.02
C THR B 92 19.32 -31.67 -6.40
N ASP B 93 19.65 -30.85 -7.40
CA ASP B 93 19.38 -31.15 -8.81
C ASP B 93 17.88 -31.23 -9.10
N LEU B 94 17.11 -30.38 -8.45
CA LEU B 94 15.68 -30.30 -8.69
C LEU B 94 15.40 -29.37 -9.87
N LYS B 95 14.37 -29.70 -10.64
CA LYS B 95 14.11 -28.94 -11.86
C LYS B 95 12.65 -29.11 -12.24
N GLY B 96 12.18 -28.21 -13.12
CA GLY B 96 10.87 -28.33 -13.72
C GLY B 96 9.74 -28.12 -12.74
N ILE B 97 8.59 -28.72 -13.06
CA ILE B 97 7.40 -28.57 -12.25
C ILE B 97 7.58 -29.22 -10.88
N LEU B 98 8.43 -30.23 -10.77
CA LEU B 98 8.63 -30.91 -9.48
C LEU B 98 9.26 -29.90 -8.52
N GLU B 99 10.17 -29.08 -9.02
CA GLU B 99 10.76 -28.04 -8.19
C GLU B 99 9.69 -27.02 -7.74
N TYR B 100 8.75 -26.68 -8.63
CA TYR B 100 7.63 -25.83 -8.23
C TYR B 100 6.82 -26.47 -7.11
N TYR B 101 6.42 -27.75 -7.27
CA TYR B 101 5.66 -28.41 -6.21
C TYR B 101 6.45 -28.42 -4.90
N PHE B 102 7.75 -28.68 -4.96
CA PHE B 102 8.57 -28.74 -3.75
C PHE B 102 8.49 -27.43 -2.99
N ASN B 103 8.69 -26.31 -3.68
CA ASN B 103 8.67 -25.01 -3.00
C ASN B 103 7.26 -24.61 -2.58
N PHE B 104 6.27 -24.92 -3.41
CA PHE B 104 4.90 -24.57 -3.09
C PHE B 104 4.40 -25.34 -1.87
N PHE B 105 4.62 -26.65 -1.84
CA PHE B 105 4.15 -27.45 -0.71
C PHE B 105 4.92 -27.11 0.57
N ARG B 106 6.23 -26.82 0.48
CA ARG B 106 6.96 -26.40 1.68
C ARG B 106 6.44 -25.06 2.20
N GLY B 107 6.12 -24.13 1.30
CA GLY B 107 5.55 -22.88 1.75
C GLY B 107 4.23 -23.07 2.48
N MET B 108 3.38 -23.96 1.97
CA MET B 108 2.11 -24.29 2.60
C MET B 108 2.32 -24.81 4.01
N TYR B 109 3.26 -25.75 4.17
CA TYR B 109 3.57 -26.29 5.48
C TYR B 109 4.07 -25.19 6.41
N GLU B 110 5.05 -24.39 5.96
CA GLU B 110 5.56 -23.32 6.80
C GLU B 110 4.45 -22.38 7.25
N PHE B 111 3.55 -22.04 6.33
CA PHE B 111 2.45 -21.17 6.68
C PHE B 111 1.65 -21.74 7.85
N GLU B 112 1.36 -23.05 7.80
CA GLU B 112 0.63 -23.71 8.86
C GLU B 112 1.37 -23.66 10.20
N GLN B 113 2.69 -23.60 10.17
CA GLN B 113 3.49 -23.58 11.39
C GLN B 113 3.72 -22.16 11.89
N TYR B 114 2.99 -21.18 11.36
CA TYR B 114 3.17 -19.77 11.72
C TYR B 114 4.57 -19.26 11.36
N GLU B 115 5.29 -19.92 10.45
CA GLU B 115 6.61 -19.48 9.99
C GLU B 115 6.43 -18.66 8.71
N TYR B 116 6.03 -17.41 8.91
CA TYR B 116 5.55 -16.61 7.79
C TYR B 116 6.66 -16.26 6.81
N LEU B 117 7.83 -15.88 7.33
CA LEU B 117 8.93 -15.47 6.46
C LEU B 117 9.45 -16.64 5.63
N ASN B 118 9.57 -17.82 6.25
CA ASN B 118 9.94 -19.01 5.50
C ASN B 118 8.92 -19.29 4.43
N ALA B 119 7.63 -19.17 4.76
CA ALA B 119 6.59 -19.53 3.81
C ALA B 119 6.63 -18.59 2.61
N ILE B 120 6.71 -17.28 2.88
CA ILE B 120 6.79 -16.31 1.80
C ILE B 120 8.02 -16.62 0.94
N SER B 121 9.14 -16.94 1.59
CA SER B 121 10.34 -17.30 0.84
C SER B 121 10.08 -18.49 -0.09
N PHE B 122 9.43 -19.53 0.42
CA PHE B 122 9.14 -20.69 -0.42
C PHE B 122 8.19 -20.32 -1.57
N TYR B 123 7.12 -19.57 -1.26
CA TYR B 123 6.15 -19.20 -2.30
C TYR B 123 6.80 -18.40 -3.42
N LYS B 124 7.73 -17.51 -3.07
CA LYS B 124 8.40 -16.70 -4.09
C LYS B 124 9.23 -17.59 -5.00
N GLN B 125 9.84 -18.63 -4.46
CA GLN B 125 10.57 -19.57 -5.32
C GLN B 125 9.63 -20.31 -6.27
N ALA B 126 8.47 -20.75 -5.76
CA ALA B 126 7.48 -21.40 -6.63
C ALA B 126 6.96 -20.43 -7.69
N GLU B 127 6.68 -19.19 -7.29
CA GLU B 127 6.17 -18.21 -8.24
C GLU B 127 7.10 -18.04 -9.44
N ARG B 128 8.41 -18.14 -9.23
CA ARG B 128 9.35 -17.95 -10.32
C ARG B 128 9.09 -18.93 -11.47
N LYS B 129 8.56 -20.10 -11.15
CA LYS B 129 8.36 -21.16 -12.12
C LYS B 129 6.89 -21.28 -12.51
N LEU B 130 6.12 -20.23 -12.30
CA LEU B 130 4.69 -20.36 -12.52
C LEU B 130 4.37 -20.60 -13.99
N SER B 131 5.23 -20.12 -14.90
CA SER B 131 5.02 -20.33 -16.32
C SER B 131 5.09 -21.79 -16.74
N LEU B 132 5.66 -22.67 -15.90
CA LEU B 132 5.67 -24.10 -16.13
C LEU B 132 4.35 -24.76 -15.75
N VAL B 133 3.43 -24.03 -15.14
CA VAL B 133 2.21 -24.61 -14.61
C VAL B 133 1.13 -24.37 -15.66
N ALA B 134 0.89 -25.37 -16.50
CA ALA B 134 -0.10 -25.20 -17.56
C ALA B 134 -1.52 -25.19 -17.00
N ASP B 135 -1.78 -25.96 -15.94
CA ASP B 135 -3.15 -26.12 -15.47
C ASP B 135 -3.63 -24.83 -14.81
N GLU B 136 -4.73 -24.28 -15.34
CA GLU B 136 -5.28 -23.06 -14.77
C GLU B 136 -5.69 -23.25 -13.31
N ILE B 137 -6.21 -24.43 -12.96
CA ILE B 137 -6.63 -24.68 -11.60
C ILE B 137 -5.44 -24.72 -10.66
N GLU B 138 -4.35 -25.37 -11.08
CA GLU B 138 -3.19 -25.40 -10.22
C GLU B 138 -2.65 -23.98 -10.02
N ARG B 139 -2.68 -23.15 -11.06
CA ARG B 139 -2.28 -21.76 -10.86
C ARG B 139 -3.23 -21.05 -9.90
N ALA B 140 -4.51 -21.42 -9.91
CA ALA B 140 -5.46 -20.86 -8.97
C ALA B 140 -5.09 -21.24 -7.54
N GLU B 141 -4.75 -22.52 -7.31
CA GLU B 141 -4.23 -22.92 -6.00
C GLU B 141 -3.11 -22.01 -5.59
N PHE B 142 -2.15 -21.79 -6.49
CA PHE B 142 -1.03 -20.94 -6.14
C PHE B 142 -1.50 -19.55 -5.76
N HIS B 143 -2.31 -18.94 -6.62
CA HIS B 143 -2.70 -17.56 -6.37
C HIS B 143 -3.46 -17.43 -5.07
N TYR B 144 -4.29 -18.40 -4.72
CA TYR B 144 -5.03 -18.34 -3.48
C TYR B 144 -4.10 -18.40 -2.28
N LYS B 145 -3.16 -19.33 -2.31
CA LYS B 145 -2.28 -19.49 -1.16
C LYS B 145 -1.38 -18.28 -0.99
N VAL B 146 -0.98 -17.66 -2.09
CA VAL B 146 -0.19 -16.45 -2.00
C VAL B 146 -1.05 -15.28 -1.50
N ALA B 147 -2.29 -15.20 -2.00
CA ALA B 147 -3.23 -14.20 -1.50
C ALA B 147 -3.47 -14.37 0.00
N GLU B 148 -3.52 -15.62 0.46
CA GLU B 148 -3.80 -15.93 1.86
C GLU B 148 -2.68 -15.43 2.74
N ILE B 149 -1.43 -15.74 2.39
CA ILE B 149 -0.34 -15.30 3.26
C ILE B 149 -0.18 -13.78 3.18
N TYR B 150 -0.46 -13.17 2.02
CA TYR B 150 -0.37 -11.72 1.93
C TYR B 150 -1.44 -11.06 2.78
N TYR B 151 -2.64 -11.65 2.83
CA TYR B 151 -3.66 -11.13 3.72
C TYR B 151 -3.17 -11.20 5.18
N HIS B 152 -2.54 -12.33 5.59
CA HIS B 152 -2.10 -12.49 6.96
C HIS B 152 -0.96 -11.54 7.29
N MET B 153 -0.20 -11.12 6.28
CA MET B 153 0.77 -10.03 6.43
C MET B 153 0.13 -8.65 6.24
N LYS B 154 -1.18 -8.59 6.02
CA LYS B 154 -1.89 -7.33 5.77
C LYS B 154 -1.29 -6.57 4.59
N GLN B 155 -0.86 -7.31 3.57
CA GLN B 155 -0.43 -6.69 2.31
C GLN B 155 -1.65 -6.71 1.42
N THR B 156 -2.56 -5.78 1.70
CA THR B 156 -3.91 -5.85 1.18
C THR B 156 -3.94 -5.85 -0.36
N HIS B 157 -3.16 -4.96 -1.00
CA HIS B 157 -3.23 -4.84 -2.44
C HIS B 157 -2.65 -6.06 -3.12
N MET B 158 -1.50 -6.54 -2.66
CA MET B 158 -0.95 -7.80 -3.13
C MET B 158 -1.95 -8.93 -2.97
N SER B 159 -2.61 -9.01 -1.83
CA SER B 159 -3.53 -10.11 -1.61
C SER B 159 -4.68 -10.05 -2.61
N MET B 160 -5.28 -8.87 -2.79
CA MET B 160 -6.35 -8.70 -3.77
C MET B 160 -5.88 -9.01 -5.19
N HIS B 161 -4.68 -8.57 -5.54
CA HIS B 161 -4.14 -8.83 -6.85
C HIS B 161 -4.12 -10.33 -7.15
N HIS B 162 -3.73 -11.13 -6.16
CA HIS B 162 -3.68 -12.57 -6.39
C HIS B 162 -5.04 -13.21 -6.19
N ILE B 163 -5.82 -12.73 -5.22
CA ILE B 163 -7.06 -13.45 -4.96
C ILE B 163 -8.03 -13.33 -6.13
N VAL B 164 -7.99 -12.22 -6.87
CA VAL B 164 -8.92 -12.07 -7.98
C VAL B 164 -8.60 -13.09 -9.06
N GLN B 165 -7.30 -13.28 -9.33
CA GLN B 165 -6.90 -14.32 -10.28
C GLN B 165 -7.39 -15.68 -9.85
N ALA B 166 -7.25 -16.00 -8.56
CA ALA B 166 -7.70 -17.30 -8.08
C ALA B 166 -9.20 -17.46 -8.27
N ILE B 167 -9.98 -16.49 -7.78
CA ILE B 167 -11.41 -16.72 -7.74
C ILE B 167 -12.00 -16.78 -9.15
N ASP B 168 -11.39 -16.06 -10.10
CA ASP B 168 -11.89 -16.11 -11.48
C ASP B 168 -11.70 -17.49 -12.08
N SER B 169 -10.48 -18.04 -11.95
CA SER B 169 -10.20 -19.40 -12.41
C SER B 169 -11.12 -20.42 -11.74
N TYR B 170 -11.25 -20.37 -10.41
CA TYR B 170 -12.07 -21.34 -9.71
C TYR B 170 -13.53 -21.26 -10.15
N LYS B 171 -14.06 -20.05 -10.24
CA LYS B 171 -15.46 -19.89 -10.65
C LYS B 171 -15.67 -20.30 -12.10
N ALA B 172 -14.62 -20.32 -12.90
CA ALA B 172 -14.73 -20.83 -14.27
C ALA B 172 -14.86 -22.34 -14.30
N HIS B 173 -14.52 -23.03 -13.21
CA HIS B 173 -14.60 -24.47 -13.15
C HIS B 173 -15.79 -24.85 -12.27
N GLU B 174 -15.95 -26.14 -12.04
CA GLU B 174 -17.23 -26.63 -11.53
C GLU B 174 -17.24 -26.90 -10.03
N ASN B 175 -16.48 -27.88 -9.57
CA ASN B 175 -16.64 -28.37 -8.20
C ASN B 175 -15.55 -27.91 -7.23
N TYR B 176 -15.06 -26.68 -7.38
CA TYR B 176 -14.09 -26.14 -6.42
C TYR B 176 -14.76 -25.25 -5.36
N THR B 177 -15.89 -25.72 -4.82
CA THR B 177 -16.71 -24.87 -3.94
C THR B 177 -15.96 -24.51 -2.67
N VAL B 178 -15.23 -25.47 -2.09
CA VAL B 178 -14.43 -25.17 -0.90
C VAL B 178 -13.49 -24.00 -1.16
N ARG B 179 -12.75 -24.06 -2.27
CA ARG B 179 -11.81 -22.99 -2.58
C ARG B 179 -12.56 -21.70 -2.93
N VAL B 180 -13.75 -21.81 -3.53
CA VAL B 180 -14.50 -20.58 -3.82
C VAL B 180 -14.92 -19.90 -2.52
N ILE B 181 -15.37 -20.70 -1.54
CA ILE B 181 -15.68 -20.16 -0.22
C ILE B 181 -14.46 -19.50 0.39
N GLN B 182 -13.32 -20.19 0.36
CA GLN B 182 -12.11 -19.62 0.98
C GLN B 182 -11.66 -18.35 0.25
N CYS B 183 -11.84 -18.29 -1.08
CA CYS B 183 -11.52 -17.06 -1.81
C CYS B 183 -12.41 -15.90 -1.38
N SER B 184 -13.68 -16.19 -1.08
CA SER B 184 -14.57 -15.16 -0.54
C SER B 184 -14.11 -14.68 0.83
N PHE B 185 -13.64 -15.61 1.67
CA PHE B 185 -13.05 -15.22 2.94
C PHE B 185 -11.98 -14.16 2.71
N VAL B 186 -11.05 -14.46 1.80
CA VAL B 186 -9.89 -13.61 1.58
C VAL B 186 -10.30 -12.23 1.04
N ILE B 187 -11.18 -12.20 0.03
CA ILE B 187 -11.64 -10.92 -0.52
C ILE B 187 -12.31 -10.09 0.57
N GLY B 188 -13.33 -10.68 1.21
CA GLY B 188 -14.02 -9.97 2.27
C GLY B 188 -13.09 -9.47 3.34
N LEU B 189 -12.15 -10.30 3.77
CA LEU B 189 -11.27 -9.87 4.86
C LEU B 189 -10.36 -8.72 4.39
N ASN B 190 -9.98 -8.69 3.12
CA ASN B 190 -9.24 -7.55 2.59
C ASN B 190 -10.10 -6.29 2.59
N TYR B 191 -11.37 -6.41 2.20
CA TYR B 191 -12.24 -5.24 2.30
C TYR B 191 -12.36 -4.77 3.76
N LEU B 192 -12.52 -5.72 4.69
CA LEU B 192 -12.53 -5.40 6.11
C LEU B 192 -11.24 -4.72 6.55
N ASP B 193 -10.09 -5.13 5.99
CA ASP B 193 -8.83 -4.45 6.33
C ASP B 193 -8.74 -3.05 5.74
N MET B 194 -9.57 -2.75 4.74
N MET B 194 -9.58 -2.73 4.75
CA MET B 194 -9.69 -1.40 4.20
CA MET B 194 -9.68 -1.38 4.21
C MET B 194 -10.76 -0.58 4.92
C MET B 194 -10.71 -0.56 4.95
N ASP B 195 -11.28 -1.09 6.02
CA ASP B 195 -12.32 -0.45 6.82
C ASP B 195 -13.66 -0.38 6.10
N TYR B 196 -13.96 -1.42 5.32
CA TYR B 196 -15.20 -1.52 4.58
C TYR B 196 -16.00 -2.75 5.02
N PRO B 197 -16.37 -2.84 6.30
CA PRO B 197 -17.11 -4.03 6.74
C PRO B 197 -18.39 -4.30 5.98
N GLU B 198 -19.05 -3.24 5.49
CA GLU B 198 -20.26 -3.44 4.70
C GLU B 198 -19.96 -3.99 3.32
N LYS B 199 -18.75 -3.81 2.79
CA LYS B 199 -18.39 -4.50 1.55
C LYS B 199 -17.97 -5.95 1.81
N ALA B 200 -17.45 -6.26 3.00
CA ALA B 200 -17.02 -7.63 3.30
C ALA B 200 -18.19 -8.54 3.60
N ILE B 201 -19.25 -8.01 4.24
CA ILE B 201 -20.33 -8.87 4.70
C ILE B 201 -20.99 -9.66 3.58
N PRO B 202 -21.30 -9.09 2.41
CA PRO B 202 -21.87 -9.93 1.35
C PRO B 202 -21.00 -11.13 0.99
N HIS B 203 -19.68 -10.94 0.94
CA HIS B 203 -18.78 -12.06 0.60
C HIS B 203 -18.85 -13.15 1.64
N PHE B 204 -18.92 -12.78 2.93
CA PHE B 204 -19.00 -13.78 3.99
C PHE B 204 -20.37 -14.42 4.03
N LYS B 205 -21.43 -13.65 3.79
CA LYS B 205 -22.76 -14.27 3.72
C LYS B 205 -22.86 -15.23 2.53
N ASN B 206 -22.24 -14.88 1.40
CA ASN B 206 -22.10 -15.80 0.28
C ASN B 206 -21.37 -17.07 0.70
N ALA B 207 -20.20 -16.90 1.33
CA ALA B 207 -19.45 -18.06 1.80
C ALA B 207 -20.27 -18.90 2.77
N LEU B 208 -21.00 -18.26 3.69
CA LEU B 208 -21.81 -18.98 4.68
C LEU B 208 -22.89 -19.84 4.02
N ASP B 209 -23.60 -19.29 3.03
CA ASP B 209 -24.65 -20.05 2.39
C ASP B 209 -24.09 -21.25 1.62
N LYS B 210 -22.98 -21.05 0.90
CA LYS B 210 -22.34 -22.17 0.22
C LYS B 210 -21.77 -23.17 1.21
N ALA B 211 -21.23 -22.69 2.34
CA ALA B 211 -20.70 -23.62 3.34
C ALA B 211 -21.82 -24.47 3.91
N ARG B 212 -23.00 -23.88 4.10
N ARG B 212 -23.01 -23.92 4.07
CA ARG B 212 -24.17 -24.67 4.51
CA ARG B 212 -24.14 -24.71 4.53
C ARG B 212 -24.53 -25.69 3.44
C ARG B 212 -24.66 -25.65 3.45
N GLU B 213 -24.56 -25.26 2.18
CA GLU B 213 -24.99 -26.15 1.10
C GLU B 213 -24.15 -27.43 1.08
N ILE B 214 -22.84 -27.33 1.31
CA ILE B 214 -21.99 -28.52 1.29
C ILE B 214 -21.80 -29.11 2.69
N ASP B 215 -22.54 -28.56 3.65
CA ASP B 215 -22.51 -29.02 5.05
C ASP B 215 -21.07 -29.19 5.55
N MET B 216 -20.27 -28.18 5.29
CA MET B 216 -18.86 -28.21 5.69
C MET B 216 -18.73 -27.38 6.96
N SER B 217 -18.76 -28.06 8.11
CA SER B 217 -18.88 -27.37 9.40
C SER B 217 -17.77 -26.37 9.64
N ARG B 218 -16.52 -26.74 9.32
CA ARG B 218 -15.40 -25.84 9.51
C ARG B 218 -15.59 -24.53 8.76
N LEU B 219 -16.08 -24.60 7.53
CA LEU B 219 -16.30 -23.37 6.76
C LEU B 219 -17.52 -22.60 7.27
N ILE B 220 -18.51 -23.31 7.79
CA ILE B 220 -19.64 -22.61 8.40
C ILE B 220 -19.16 -21.80 9.60
N GLY B 221 -18.41 -22.47 10.48
CA GLY B 221 -17.89 -21.80 11.67
C GLY B 221 -16.96 -20.66 11.32
N SER B 222 -16.16 -20.84 10.25
CA SER B 222 -15.27 -19.76 9.84
C SER B 222 -16.05 -18.59 9.27
N SER B 223 -17.13 -18.87 8.51
CA SER B 223 -17.96 -17.79 7.99
C SER B 223 -18.57 -16.98 9.13
N LEU B 224 -19.08 -17.67 10.15
CA LEU B 224 -19.62 -16.97 11.31
C LEU B 224 -18.57 -16.12 11.98
N TYR B 225 -17.35 -16.65 12.08
CA TYR B 225 -16.27 -15.88 12.68
C TYR B 225 -16.01 -14.60 11.90
N ASN B 226 -15.87 -14.72 10.58
CA ASN B 226 -15.54 -13.56 9.76
C ASN B 226 -16.67 -12.54 9.76
N LEU B 227 -17.92 -13.00 9.79
CA LEU B 227 -19.03 -12.07 9.99
C LEU B 227 -18.90 -11.37 11.34
N GLY B 228 -18.60 -12.12 12.39
CA GLY B 228 -18.41 -11.49 13.69
C GLY B 228 -17.40 -10.37 13.66
N LEU B 229 -16.31 -10.56 12.89
CA LEU B 229 -15.32 -9.51 12.74
C LEU B 229 -15.89 -8.25 12.12
N CYS B 230 -16.86 -8.40 11.20
CA CYS B 230 -17.51 -7.24 10.61
C CYS B 230 -18.35 -6.51 11.64
N SER B 231 -19.16 -7.26 12.39
CA SER B 231 -19.91 -6.64 13.48
C SER B 231 -18.96 -5.96 14.47
N PHE B 232 -17.84 -6.61 14.79
CA PHE B 232 -16.85 -6.04 15.71
C PHE B 232 -16.28 -4.73 15.20
N ALA B 233 -15.88 -4.69 13.93
CA ALA B 233 -15.38 -3.45 13.35
C ALA B 233 -16.45 -2.35 13.39
N GLU B 234 -17.73 -2.71 13.39
CA GLU B 234 -18.80 -1.73 13.44
C GLU B 234 -19.17 -1.33 14.86
N GLU B 235 -18.48 -1.89 15.86
CA GLU B 235 -18.74 -1.73 17.30
C GLU B 235 -20.11 -2.24 17.69
N ALA B 236 -20.69 -3.13 16.89
CA ALA B 236 -21.91 -3.86 17.27
C ALA B 236 -21.47 -5.11 18.04
N TYR B 237 -21.06 -4.88 19.30
CA TYR B 237 -20.38 -5.95 20.04
C TYR B 237 -21.33 -7.07 20.41
N GLU B 238 -22.60 -6.76 20.71
CA GLU B 238 -23.54 -7.82 21.05
C GLU B 238 -23.72 -8.79 19.88
N LYS B 239 -23.88 -8.27 18.66
CA LYS B 239 -24.03 -9.17 17.50
C LYS B 239 -22.72 -9.88 17.18
N ALA B 240 -21.59 -9.18 17.30
CA ALA B 240 -20.29 -9.83 17.12
C ALA B 240 -20.14 -11.02 18.08
N SER B 241 -20.55 -10.85 19.35
CA SER B 241 -20.47 -11.97 20.31
C SER B 241 -21.30 -13.15 19.85
N GLU B 242 -22.52 -12.89 19.39
CA GLU B 242 -23.39 -13.97 18.95
C GLU B 242 -22.80 -14.71 17.76
N TYR B 243 -22.19 -13.98 16.82
CA TYR B 243 -21.50 -14.65 15.73
C TYR B 243 -20.34 -15.49 16.26
N PHE B 244 -19.54 -14.91 17.18
CA PHE B 244 -18.38 -15.63 17.69
C PHE B 244 -18.83 -16.88 18.45
N LYS B 245 -19.87 -16.74 19.26
CA LYS B 245 -20.37 -17.87 20.05
C LYS B 245 -20.89 -19.00 19.16
N GLU B 246 -21.67 -18.68 18.13
CA GLU B 246 -22.20 -19.76 17.28
C GLU B 246 -21.07 -20.45 16.50
N GLY B 247 -20.05 -19.69 16.08
CA GLY B 247 -18.93 -20.31 15.40
C GLY B 247 -18.15 -21.27 16.28
N ILE B 248 -17.89 -20.87 17.52
CA ILE B 248 -17.27 -21.78 18.49
C ILE B 248 -18.11 -23.02 18.64
N ARG B 249 -19.44 -22.86 18.73
N ARG B 249 -19.44 -22.87 18.72
CA ARG B 249 -20.34 -24.01 18.86
CA ARG B 249 -20.32 -24.03 18.86
C ARG B 249 -20.24 -24.92 17.64
C ARG B 249 -20.24 -24.93 17.63
N VAL B 250 -20.26 -24.33 16.44
CA VAL B 250 -20.15 -25.14 15.22
C VAL B 250 -18.87 -25.95 15.24
N TYR B 251 -17.74 -25.31 15.51
CA TYR B 251 -16.48 -26.03 15.64
C TYR B 251 -16.56 -27.12 16.70
N GLN B 252 -17.10 -26.78 17.89
CA GLN B 252 -17.02 -27.70 19.03
C GLN B 252 -17.88 -28.93 18.82
N ASP B 253 -18.99 -28.79 18.09
CA ASP B 253 -19.97 -29.84 17.89
C ASP B 253 -19.64 -30.74 16.71
N ASN B 254 -18.67 -30.38 15.88
CA ASN B 254 -18.45 -31.12 14.66
C ASN B 254 -17.00 -31.57 14.49
N GLY B 255 -16.31 -31.85 15.59
CA GLY B 255 -15.00 -32.44 15.54
C GLY B 255 -13.85 -31.46 15.40
N TYR B 256 -14.07 -30.17 15.60
CA TYR B 256 -13.03 -29.15 15.49
C TYR B 256 -12.72 -28.45 16.83
N GLU B 257 -13.09 -29.05 17.95
CA GLU B 257 -12.77 -28.45 19.24
C GLU B 257 -11.27 -28.39 19.50
N HIS B 258 -10.46 -29.09 18.71
CA HIS B 258 -9.01 -29.07 18.91
C HIS B 258 -8.29 -28.44 17.74
N SER B 259 -9.01 -27.79 16.85
CA SER B 259 -8.38 -26.99 15.82
C SER B 259 -7.82 -25.72 16.42
N ASN B 260 -6.53 -25.47 16.22
N ASN B 260 -6.52 -25.45 16.21
CA ASN B 260 -5.85 -24.24 16.62
CA ASN B 260 -5.94 -24.24 16.76
C ASN B 260 -6.67 -23.01 16.29
C ASN B 260 -6.64 -22.98 16.27
N ARG B 261 -7.33 -23.03 15.13
CA ARG B 261 -7.97 -21.82 14.62
C ARG B 261 -9.24 -21.44 15.40
N ILE B 262 -9.81 -22.38 16.16
CA ILE B 262 -10.87 -22.02 17.11
C ILE B 262 -10.37 -20.96 18.09
N LEU B 263 -9.06 -20.92 18.36
CA LEU B 263 -8.55 -19.92 19.28
C LEU B 263 -8.78 -18.50 18.77
N ASP B 264 -8.82 -18.31 17.46
CA ASP B 264 -9.10 -16.97 16.93
C ASP B 264 -10.47 -16.51 17.38
N ILE B 265 -11.46 -17.40 17.30
CA ILE B 265 -12.82 -17.03 17.67
C ILE B 265 -12.91 -16.80 19.17
N LEU B 266 -12.27 -17.67 19.95
CA LEU B 266 -12.26 -17.51 21.40
C LEU B 266 -11.61 -16.19 21.77
N LEU B 267 -10.56 -15.83 21.03
CA LEU B 267 -9.85 -14.60 21.33
C LEU B 267 -10.75 -13.38 21.10
N MET B 268 -11.35 -13.30 19.93
CA MET B 268 -12.20 -12.17 19.60
C MET B 268 -13.44 -12.11 20.49
N LEU B 269 -14.00 -13.27 20.84
CA LEU B 269 -15.11 -13.30 21.78
C LEU B 269 -14.69 -12.78 23.17
N THR B 270 -13.50 -13.19 23.64
CA THR B 270 -12.98 -12.69 24.92
C THR B 270 -12.81 -11.19 24.91
N LYS B 271 -12.09 -10.68 23.91
CA LYS B 271 -11.88 -9.25 23.73
C LYS B 271 -13.20 -8.48 23.69
N THR B 272 -14.15 -8.99 22.91
CA THR B 272 -15.45 -8.34 22.76
C THR B 272 -16.18 -8.32 24.08
N THR B 273 -16.13 -9.43 24.81
CA THR B 273 -16.80 -9.50 26.09
C THR B 273 -16.23 -8.47 27.07
N PHE B 274 -14.91 -8.25 27.01
CA PHE B 274 -14.33 -7.20 27.85
C PHE B 274 -14.76 -5.81 27.39
N LYS B 275 -14.85 -5.59 26.08
CA LYS B 275 -15.29 -4.31 25.55
C LYS B 275 -16.72 -4.00 25.93
N MET B 276 -17.54 -5.01 26.20
CA MET B 276 -18.90 -4.84 26.64
C MET B 276 -18.98 -4.68 28.14
N ARG B 277 -17.81 -4.64 28.77
CA ARG B 277 -17.60 -4.47 30.24
C ARG B 277 -18.36 -5.52 31.04
N ASN B 278 -18.42 -6.72 30.47
CA ASN B 278 -18.84 -7.92 31.16
C ASN B 278 -17.57 -8.58 31.67
N HIS B 279 -17.09 -8.08 32.79
CA HIS B 279 -15.76 -8.43 33.25
C HIS B 279 -15.62 -9.91 33.61
N SER B 280 -16.53 -10.43 34.47
CA SER B 280 -16.43 -11.82 34.90
C SER B 280 -16.59 -12.79 33.73
N GLU B 281 -17.51 -12.50 32.81
CA GLU B 281 -17.57 -13.31 31.58
C GLU B 281 -16.29 -13.20 30.79
N GLY B 282 -15.72 -12.00 30.71
CA GLY B 282 -14.44 -11.84 30.02
C GLY B 282 -13.38 -12.75 30.60
N ILE B 283 -13.32 -12.82 31.94
CA ILE B 283 -12.35 -13.66 32.61
C ILE B 283 -12.59 -15.12 32.27
N SER B 284 -13.85 -15.54 32.26
CA SER B 284 -14.17 -16.93 31.97
C SER B 284 -13.71 -17.31 30.55
N TRP B 285 -14.06 -16.52 29.55
CA TRP B 285 -13.61 -16.83 28.20
C TRP B 285 -12.10 -16.80 28.11
N CYS B 286 -11.48 -15.78 28.73
CA CYS B 286 -10.03 -15.66 28.67
C CYS B 286 -9.36 -16.84 29.33
N ALA B 287 -9.89 -17.27 30.47
CA ALA B 287 -9.31 -18.43 31.14
C ALA B 287 -9.42 -19.66 30.23
N HIS B 288 -10.57 -19.83 29.59
CA HIS B 288 -10.72 -20.97 28.68
C HIS B 288 -9.71 -20.89 27.54
N GLY B 289 -9.53 -19.72 26.96
CA GLY B 289 -8.61 -19.61 25.82
C GLY B 289 -7.17 -19.85 26.21
N LEU B 290 -6.77 -19.37 27.39
CA LEU B 290 -5.42 -19.64 27.86
C LEU B 290 -5.21 -21.13 28.03
N SER B 291 -6.17 -21.81 28.66
CA SER B 291 -6.11 -23.25 28.90
C SER B 291 -6.01 -24.03 27.60
N LEU B 292 -6.89 -23.73 26.65
CA LEU B 292 -6.91 -24.42 25.36
C LEU B 292 -5.65 -24.12 24.55
N SER B 293 -5.21 -22.86 24.52
CA SER B 293 -3.94 -22.53 23.85
C SER B 293 -2.81 -23.42 24.37
N LYS B 294 -2.75 -23.55 25.69
CA LYS B 294 -1.72 -24.37 26.31
C LYS B 294 -1.89 -25.83 25.94
N ASN B 295 -3.14 -26.32 25.92
CA ASN B 295 -3.40 -27.72 25.60
C ASN B 295 -3.11 -28.03 24.12
N LEU B 296 -3.37 -27.08 23.22
CA LEU B 296 -3.00 -27.27 21.82
C LEU B 296 -1.56 -26.90 21.53
N ASN B 297 -0.79 -26.53 22.55
CA ASN B 297 0.61 -26.16 22.39
C ASN B 297 0.80 -25.06 21.35
N ASP B 298 -0.06 -24.05 21.38
CA ASP B 298 0.01 -22.90 20.47
C ASP B 298 0.50 -21.71 21.31
N GLU B 299 1.82 -21.52 21.34
CA GLU B 299 2.41 -20.42 22.12
C GLU B 299 1.93 -19.06 21.60
N ILE B 300 1.82 -18.91 20.28
CA ILE B 300 1.51 -17.59 19.72
C ILE B 300 0.11 -17.15 20.17
N MET B 301 -0.86 -18.06 20.09
CA MET B 301 -2.19 -17.75 20.59
C MET B 301 -2.19 -17.55 22.12
N ALA B 302 -1.41 -18.35 22.87
CA ALA B 302 -1.31 -18.13 24.32
C ALA B 302 -0.90 -16.70 24.61
N LYS B 303 0.12 -16.21 23.90
CA LYS B 303 0.56 -14.84 24.08
C LYS B 303 -0.55 -13.85 23.80
N MET B 304 -1.41 -14.11 22.81
CA MET B 304 -2.44 -13.11 22.55
C MET B 304 -3.49 -13.11 23.65
N PHE B 305 -3.81 -14.28 24.19
CA PHE B 305 -4.71 -14.33 25.33
C PHE B 305 -4.08 -13.66 26.54
N GLU B 306 -2.76 -13.84 26.71
CA GLU B 306 -2.05 -13.18 27.80
C GLU B 306 -2.09 -11.67 27.63
N PHE B 307 -2.03 -11.19 26.38
CA PHE B 307 -2.15 -9.76 26.16
C PHE B 307 -3.51 -9.24 26.65
N ILE B 308 -4.58 -9.93 26.24
CA ILE B 308 -5.93 -9.52 26.65
C ILE B 308 -6.06 -9.52 28.16
N HIS B 309 -5.53 -10.55 28.81
CA HIS B 309 -5.60 -10.62 30.26
C HIS B 309 -4.82 -9.47 30.87
N ALA B 310 -3.58 -9.26 30.40
CA ALA B 310 -2.78 -8.19 30.99
C ALA B 310 -3.38 -6.83 30.70
N LEU B 311 -4.17 -6.68 29.62
CA LEU B 311 -4.81 -5.38 29.38
C LEU B 311 -6.02 -5.17 30.29
N TYR B 312 -7.04 -6.03 30.16
CA TYR B 312 -8.30 -5.78 30.86
C TYR B 312 -8.28 -6.21 32.32
N VAL B 313 -7.42 -7.15 32.72
CA VAL B 313 -7.39 -7.59 34.11
C VAL B 313 -6.31 -6.85 34.89
N ASP B 314 -5.08 -6.81 34.37
CA ASP B 314 -3.95 -6.40 35.18
C ASP B 314 -3.40 -5.02 34.86
N ASN B 315 -3.75 -4.43 33.72
CA ASN B 315 -3.15 -3.15 33.31
C ASN B 315 -1.61 -3.24 33.37
N ASP B 316 -1.07 -4.38 32.96
CA ASP B 316 0.38 -4.61 33.02
C ASP B 316 0.99 -4.25 31.67
N ASN B 317 1.44 -3.00 31.54
CA ASN B 317 1.87 -2.46 30.26
C ASN B 317 3.24 -2.96 29.82
N GLU B 318 4.13 -3.27 30.76
CA GLU B 318 5.38 -3.95 30.46
C GLU B 318 5.13 -5.29 29.77
N LYS B 319 4.13 -6.03 30.28
CA LYS B 319 3.75 -7.31 29.65
C LYS B 319 3.20 -7.01 28.24
N LEU B 320 2.32 -6.02 28.12
CA LEU B 320 1.76 -5.72 26.80
C LEU B 320 2.86 -5.43 25.79
N ASN B 321 3.82 -4.59 26.20
CA ASN B 321 4.95 -4.22 25.35
C ASN B 321 5.80 -5.43 24.98
N SER B 322 6.06 -6.32 25.93
CA SER B 322 6.90 -7.44 25.60
C SER B 322 6.19 -8.37 24.62
N ILE B 323 4.86 -8.53 24.76
CA ILE B 323 4.09 -9.35 23.84
C ILE B 323 4.02 -8.70 22.46
N LEU B 324 3.85 -7.38 22.40
CA LEU B 324 3.85 -6.73 21.09
C LEU B 324 5.19 -6.91 20.41
N ASN B 325 6.29 -6.79 21.17
CA ASN B 325 7.61 -7.05 20.60
C ASN B 325 7.74 -8.49 20.10
N TYR B 326 7.26 -9.45 20.91
CA TYR B 326 7.24 -10.85 20.51
C TYR B 326 6.49 -11.05 19.19
N LEU B 327 5.26 -10.53 19.11
CA LEU B 327 4.51 -10.74 17.88
C LEU B 327 5.22 -10.09 16.70
N GLU B 328 5.93 -8.98 16.92
CA GLU B 328 6.67 -8.36 15.84
C GLU B 328 7.81 -9.26 15.37
N LEU B 329 8.51 -9.88 16.30
CA LEU B 329 9.57 -10.81 15.94
C LEU B 329 9.03 -12.02 15.20
N LYS B 330 7.74 -12.31 15.35
CA LYS B 330 7.07 -13.35 14.59
C LYS B 330 6.44 -12.84 13.30
N SER B 331 6.76 -11.62 12.88
CA SER B 331 6.27 -11.10 11.61
C SER B 331 4.74 -11.08 11.58
N MET B 332 4.14 -10.82 12.73
CA MET B 332 2.69 -10.75 12.80
C MET B 332 2.26 -9.32 13.11
N LEU B 333 2.59 -8.41 12.20
CA LEU B 333 2.41 -6.99 12.48
C LEU B 333 0.96 -6.61 12.56
N SER B 334 0.07 -7.34 11.87
CA SER B 334 -1.33 -6.96 11.97
C SER B 334 -1.87 -7.21 13.37
N ASP B 335 -1.36 -8.25 14.03
CA ASP B 335 -1.75 -8.50 15.40
C ASP B 335 -1.12 -7.49 16.35
N VAL B 336 0.12 -7.05 16.11
CA VAL B 336 0.66 -5.94 16.90
C VAL B 336 -0.31 -4.76 16.83
N GLU B 337 -0.75 -4.44 15.62
CA GLU B 337 -1.60 -3.29 15.38
C GLU B 337 -2.97 -3.47 16.04
N ASP B 338 -3.58 -4.66 15.89
CA ASP B 338 -4.88 -4.91 16.52
C ASP B 338 -4.78 -4.80 18.05
N LEU B 339 -3.79 -5.47 18.65
CA LEU B 339 -3.72 -5.49 20.12
C LEU B 339 -3.31 -4.13 20.67
N ALA B 340 -2.31 -3.46 20.06
CA ALA B 340 -1.97 -2.11 20.48
C ALA B 340 -3.18 -1.21 20.39
N SER B 341 -3.98 -1.40 19.35
CA SER B 341 -5.21 -0.62 19.19
C SER B 341 -6.20 -0.90 20.32
N ASP B 342 -6.33 -2.17 20.74
CA ASP B 342 -7.17 -2.47 21.90
C ASP B 342 -6.70 -1.68 23.13
N ALA B 343 -5.38 -1.66 23.37
CA ALA B 343 -4.85 -0.96 24.54
C ALA B 343 -5.06 0.56 24.44
N ALA B 344 -4.84 1.14 23.26
CA ALA B 344 -5.06 2.58 23.06
C ALA B 344 -6.50 2.94 23.40
N LYS B 345 -7.46 2.17 22.87
CA LYS B 345 -8.87 2.42 23.10
C LYS B 345 -9.24 2.24 24.56
N TYR B 346 -8.71 1.16 25.17
CA TYR B 346 -8.97 0.90 26.58
C TYR B 346 -8.52 2.07 27.45
N TYR B 347 -7.25 2.44 27.33
CA TYR B 347 -6.68 3.45 28.21
C TYR B 347 -7.26 4.82 27.89
N ASN B 348 -7.65 5.02 26.63
CA ASN B 348 -8.33 6.26 26.27
C ASN B 348 -9.69 6.35 26.96
N GLU B 349 -10.48 5.27 26.90
CA GLU B 349 -11.75 5.24 27.61
C GLU B 349 -11.56 5.46 29.10
N LYS B 350 -10.53 4.86 29.67
CA LYS B 350 -10.29 5.06 31.10
C LYS B 350 -9.76 6.46 31.42
N GLU B 351 -9.52 7.29 30.40
CA GLU B 351 -8.97 8.64 30.53
C GLU B 351 -7.53 8.66 31.03
N ASP B 352 -6.79 7.55 30.83
CA ASP B 352 -5.33 7.54 31.03
C ASP B 352 -4.68 7.87 29.68
N HIS B 353 -4.66 9.16 29.36
CA HIS B 353 -4.29 9.56 28.01
C HIS B 353 -2.80 9.43 27.79
N LYS B 354 -2.02 9.57 28.86
CA LYS B 354 -0.57 9.37 28.76
C LYS B 354 -0.23 7.98 28.29
N VAL B 355 -0.92 6.96 28.83
CA VAL B 355 -0.67 5.58 28.41
C VAL B 355 -1.30 5.34 27.03
N ALA B 356 -2.49 5.87 26.79
CA ALA B 356 -3.13 5.69 25.49
C ALA B 356 -2.25 6.18 24.36
N VAL B 357 -1.60 7.34 24.56
CA VAL B 357 -0.70 7.90 23.55
C VAL B 357 0.36 6.88 23.17
N ALA B 358 0.97 6.26 24.16
CA ALA B 358 2.02 5.28 23.89
C ALA B 358 1.52 4.18 22.96
N TYR B 359 0.29 3.69 23.19
CA TYR B 359 -0.18 2.61 22.33
C TYR B 359 -0.66 3.12 20.98
N TYR B 360 -1.17 4.36 20.91
CA TYR B 360 -1.44 4.93 19.60
C TYR B 360 -0.15 5.03 18.80
N GLU B 361 0.95 5.40 19.44
CA GLU B 361 2.24 5.42 18.74
C GLU B 361 2.65 4.01 18.31
N LYS B 362 2.34 3.00 19.11
CA LYS B 362 2.65 1.64 18.66
C LYS B 362 1.80 1.25 17.47
N VAL B 363 0.53 1.68 17.42
CA VAL B 363 -0.32 1.40 16.26
C VAL B 363 0.26 2.03 14.99
N LEU B 364 0.74 3.27 15.10
CA LEU B 364 1.39 3.94 13.98
C LEU B 364 2.64 3.20 13.54
N TYR B 365 3.45 2.79 14.50
CA TYR B 365 4.67 2.07 14.17
C TYR B 365 4.33 0.78 13.42
N ALA B 366 3.34 0.03 13.91
CA ALA B 366 3.00 -1.23 13.26
C ALA B 366 2.49 -0.96 11.84
N ARG B 367 1.65 0.06 11.68
CA ARG B 367 1.15 0.37 10.34
C ARG B 367 2.27 0.75 9.40
N LYS B 368 3.25 1.51 9.91
CA LYS B 368 4.37 1.87 9.04
C LYS B 368 5.18 0.63 8.65
N GLN B 369 5.41 -0.28 9.59
CA GLN B 369 6.11 -1.51 9.26
C GLN B 369 5.37 -2.30 8.20
N ILE B 370 4.04 -2.36 8.31
CA ILE B 370 3.24 -3.09 7.34
C ILE B 370 3.36 -2.43 5.96
N GLN B 371 3.32 -1.11 5.91
CA GLN B 371 3.48 -0.40 4.65
C GLN B 371 4.87 -0.60 4.04
N ARG B 372 5.89 -0.79 4.89
CA ARG B 372 7.25 -1.01 4.38
C ARG B 372 7.39 -2.25 3.52
N GLY B 373 6.48 -3.22 3.64
CA GLY B 373 6.51 -4.36 2.74
C GLY B 373 7.78 -5.18 2.80
N ASP B 374 8.61 -5.04 1.76
CA ASP B 374 9.90 -5.74 1.60
C ASP B 374 10.97 -5.14 2.52
N CYS B 375 11.18 -5.75 3.69
CA CYS B 375 12.24 -5.29 4.60
C CYS B 375 12.96 -6.48 5.23
N ARG C 1 5.45 18.28 4.78
CA ARG C 1 5.19 18.79 3.44
C ARG C 1 5.84 17.85 2.39
N ARG C 2 5.16 17.69 1.25
CA ARG C 2 5.70 16.90 0.15
C ARG C 2 7.00 17.49 -0.35
N GLY C 3 7.91 16.60 -0.78
CA GLY C 3 9.14 17.06 -1.38
C GLY C 3 8.89 17.72 -2.73
N HIS C 4 9.98 18.21 -3.33
CA HIS C 4 9.92 18.78 -4.67
C HIS C 4 10.10 17.68 -5.71
N THR C 5 9.10 17.55 -6.57
CA THR C 5 9.13 16.61 -7.67
C THR C 5 9.35 17.28 -9.01
N ALA C 6 9.38 18.61 -9.05
CA ALA C 6 9.40 19.43 -10.26
C ALA C 6 8.64 18.80 -11.45
N ARG D 1 -7.41 -9.78 15.56
CA ARG D 1 -7.00 -11.10 15.11
C ARG D 1 -7.32 -11.22 13.61
N ARG D 2 -6.48 -11.93 12.86
CA ARG D 2 -6.79 -12.18 11.45
C ARG D 2 -8.03 -13.04 11.32
N GLY D 3 -8.80 -12.79 10.26
CA GLY D 3 -9.91 -13.67 9.94
C GLY D 3 -9.45 -15.08 9.48
N HIS D 4 -10.44 -15.96 9.27
CA HIS D 4 -10.16 -17.30 8.79
C HIS D 4 -10.12 -17.29 7.26
N THR D 5 -9.03 -17.80 6.69
CA THR D 5 -8.87 -17.76 5.24
C THR D 5 -9.01 -19.16 4.63
#